data_1Z7L
#
_entry.id   1Z7L
#
_cell.length_a   216.123
_cell.length_b   216.123
_cell.length_c   196.092
_cell.angle_alpha   90.00
_cell.angle_beta   90.00
_cell.angle_gamma   120.00
#
_symmetry.space_group_name_H-M   'H 3 2'
#
loop_
_entity.id
_entity.type
_entity.pdbx_description
1 polymer 'Ubiquitin-activating enzyme E1 1'
2 non-polymer 'HEXATANTALUM DODECABROMIDE'
#
_entity_poly.entity_id   1
_entity_poly.type   'polypeptide(L)'
_entity_poly.pdbx_seq_one_letter_code
;MGHHHHHHEFEKSIPICTLKNFPNAIEHTLQWARDEFEGLFKQPAENVNQYLTDSKFVERTLRLAGTQPLEVLEAVQRSL
VLQRPQTWGDCVTWACHHWHTQYCNNIRQLLHNFPPDQLTSSGAPFWSGPKRCPHPLTFDVNNTLHLDYVMAAANLFAQT
YGLTGSQDRAAVASLLQSVQVPEFTPKSGVKIHVSDQELQSANASVDDSRLEELKATLPSPDKLPGFKMYPIDFEKDDDS
NFHMDFIVAASNLRAENYDISPADRHKSKLIAGKII
;
_entity_poly.pdbx_strand_id   A,B,C
#
loop_
_chem_comp.id
_chem_comp.type
_chem_comp.name
_chem_comp.formula
TBR non-polymer 'HEXATANTALUM DODECABROMIDE' 'Br12 Ta6'
#
# COMPACT_ATOMS: atom_id res chain seq x y z
N ILE A 14 15.44 15.08 -34.79
CA ILE A 14 14.27 14.51 -35.53
C ILE A 14 13.04 15.40 -35.48
N PRO A 15 12.43 15.62 -36.65
CA PRO A 15 11.24 16.48 -36.73
C PRO A 15 10.30 16.11 -35.60
N ILE A 16 9.78 17.12 -34.92
CA ILE A 16 8.87 16.93 -33.82
C ILE A 16 7.63 16.21 -34.30
N CYS A 17 6.97 16.79 -35.30
CA CYS A 17 5.75 16.23 -35.85
C CYS A 17 5.88 14.76 -36.24
N THR A 18 7.07 14.33 -36.63
CA THR A 18 7.24 12.93 -36.98
C THR A 18 7.19 12.10 -35.68
N LEU A 19 7.81 12.64 -34.64
CA LEU A 19 7.82 12.01 -33.33
C LEU A 19 6.43 11.96 -32.74
N LYS A 20 5.78 13.11 -32.72
CA LYS A 20 4.46 13.25 -32.12
C LYS A 20 3.31 12.62 -32.87
N ASN A 21 3.22 12.90 -34.16
CA ASN A 21 2.10 12.42 -34.93
C ASN A 21 2.33 11.42 -36.04
N PHE A 22 3.47 11.54 -36.73
CA PHE A 22 3.73 10.68 -37.89
C PHE A 22 4.97 9.81 -37.86
N PRO A 23 5.04 8.87 -36.93
CA PRO A 23 6.22 8.00 -36.87
C PRO A 23 6.12 6.99 -38.01
N ASN A 24 7.26 6.47 -38.46
CA ASN A 24 7.25 5.46 -39.52
C ASN A 24 8.32 4.39 -39.28
N ALA A 25 9.10 4.59 -38.22
CA ALA A 25 10.16 3.65 -37.86
C ALA A 25 10.23 3.41 -36.34
N ILE A 26 10.57 2.18 -35.96
CA ILE A 26 10.69 1.78 -34.56
C ILE A 26 11.57 2.72 -33.75
N GLU A 27 12.47 3.43 -34.41
CA GLU A 27 13.33 4.36 -33.69
C GLU A 27 12.52 5.57 -33.24
N HIS A 28 11.50 5.93 -34.01
CA HIS A 28 10.66 7.09 -33.66
C HIS A 28 9.79 6.70 -32.46
N THR A 29 9.28 5.49 -32.53
CA THR A 29 8.44 4.90 -31.51
C THR A 29 9.19 4.84 -30.17
N LEU A 30 10.39 4.28 -30.17
CA LEU A 30 11.17 4.17 -28.94
C LEU A 30 11.52 5.55 -28.36
N GLN A 31 11.86 6.50 -29.23
CA GLN A 31 12.20 7.87 -28.81
C GLN A 31 10.99 8.43 -28.08
N TRP A 32 9.82 8.27 -28.69
CA TRP A 32 8.56 8.72 -28.14
C TRP A 32 8.34 8.09 -26.75
N ALA A 33 8.58 6.79 -26.65
CA ALA A 33 8.42 6.08 -25.39
C ALA A 33 9.32 6.69 -24.30
N ARG A 34 10.54 7.04 -24.65
CA ARG A 34 11.44 7.63 -23.68
C ARG A 34 10.87 8.99 -23.26
N ASP A 35 10.34 9.73 -24.22
CA ASP A 35 9.75 11.03 -23.96
C ASP A 35 8.61 10.85 -22.96
N GLU A 36 7.79 9.84 -23.24
CA GLU A 36 6.64 9.53 -22.42
C GLU A 36 7.11 9.31 -20.99
N PHE A 37 8.13 8.48 -20.81
CA PHE A 37 8.66 8.18 -19.47
C PHE A 37 9.00 9.47 -18.71
N GLU A 38 9.62 10.43 -19.38
CA GLU A 38 9.96 11.69 -18.75
C GLU A 38 8.72 12.49 -18.37
N GLY A 39 7.76 12.56 -19.29
CA GLY A 39 6.56 13.32 -19.05
C GLY A 39 5.58 12.71 -18.08
N LEU A 40 5.73 11.41 -17.85
CA LEU A 40 4.84 10.74 -16.93
C LEU A 40 5.40 10.50 -15.55
N PHE A 41 6.66 10.10 -15.46
CA PHE A 41 7.19 9.69 -14.16
C PHE A 41 8.31 10.60 -13.65
N LYS A 42 8.66 11.68 -14.33
CA LYS A 42 9.69 12.52 -13.76
C LYS A 42 9.24 13.98 -13.64
N GLN A 43 8.93 14.60 -14.77
CA GLN A 43 8.49 15.99 -14.79
C GLN A 43 7.35 16.34 -13.83
N PRO A 44 6.21 15.65 -13.94
CA PRO A 44 5.09 15.97 -13.03
C PRO A 44 5.51 16.03 -11.56
N ALA A 45 6.15 14.97 -11.09
CA ALA A 45 6.62 14.92 -9.71
C ALA A 45 7.56 16.09 -9.39
N GLU A 46 8.55 16.31 -10.25
CA GLU A 46 9.47 17.40 -10.04
C GLU A 46 8.75 18.75 -9.86
N ASN A 47 7.88 19.11 -10.79
CA ASN A 47 7.17 20.37 -10.68
C ASN A 47 6.35 20.40 -9.40
N VAL A 48 5.63 19.32 -9.13
CA VAL A 48 4.82 19.25 -7.93
C VAL A 48 5.63 19.46 -6.66
N ASN A 49 6.85 18.94 -6.61
CA ASN A 49 7.66 19.14 -5.42
C ASN A 49 8.05 20.61 -5.32
N GLN A 50 8.55 21.17 -6.41
CA GLN A 50 8.94 22.58 -6.42
C GLN A 50 7.77 23.47 -6.01
N TYR A 51 6.59 23.22 -6.58
CA TYR A 51 5.42 24.02 -6.25
C TYR A 51 5.16 23.97 -4.75
N LEU A 52 5.47 22.84 -4.13
CA LEU A 52 5.27 22.69 -2.69
C LEU A 52 6.45 23.19 -1.87
N THR A 53 7.48 23.69 -2.55
CA THR A 53 8.67 24.21 -1.86
C THR A 53 8.74 25.73 -1.88
N ASP A 54 8.75 26.36 -3.06
CA ASP A 54 8.79 27.81 -3.11
C ASP A 54 7.45 28.42 -3.40
N SER A 55 7.52 29.74 -3.54
CA SER A 55 6.44 30.58 -3.98
C SER A 55 6.77 31.14 -5.33
N LYS A 56 8.10 31.12 -5.49
CA LYS A 56 8.84 31.54 -6.68
C LYS A 56 8.40 30.65 -7.82
N PHE A 57 7.73 29.54 -7.51
CA PHE A 57 7.27 28.62 -8.54
C PHE A 57 6.06 29.17 -9.31
N VAL A 58 4.98 29.51 -8.60
CA VAL A 58 3.79 30.04 -9.26
C VAL A 58 4.18 31.22 -10.15
N GLU A 59 5.05 32.07 -9.62
CA GLU A 59 5.53 33.25 -10.34
C GLU A 59 6.51 32.87 -11.45
N ARG A 60 7.68 32.36 -11.06
CA ARG A 60 8.72 31.96 -12.00
C ARG A 60 8.16 31.22 -13.23
N THR A 61 7.38 30.16 -12.96
CA THR A 61 6.76 29.35 -14.00
C THR A 61 5.88 30.21 -14.90
N LEU A 62 5.19 31.13 -14.27
CA LEU A 62 4.25 32.08 -14.89
C LEU A 62 4.94 33.08 -15.82
N ARG A 63 6.25 33.22 -15.64
CA ARG A 63 7.05 34.14 -16.43
C ARG A 63 7.61 33.33 -17.61
N LEU A 64 7.05 32.16 -17.83
CA LEU A 64 7.59 31.39 -18.89
C LEU A 64 6.88 31.49 -20.23
N ALA A 65 7.70 31.31 -21.25
CA ALA A 65 7.35 31.34 -22.66
C ALA A 65 5.98 30.85 -23.16
N GLY A 66 5.21 31.86 -23.55
CA GLY A 66 3.88 31.71 -24.13
C GLY A 66 2.88 30.71 -23.60
N THR A 67 2.94 29.49 -24.11
CA THR A 67 2.00 28.46 -23.75
C THR A 67 2.36 27.59 -22.51
N GLN A 68 3.66 27.43 -22.25
CA GLN A 68 4.12 26.62 -21.11
C GLN A 68 3.44 26.88 -19.76
N PRO A 69 3.29 28.15 -19.35
CA PRO A 69 2.64 28.42 -18.06
C PRO A 69 1.39 27.57 -17.81
N LEU A 70 0.41 27.64 -18.70
CA LEU A 70 -0.79 26.84 -18.49
C LEU A 70 -0.46 25.35 -18.43
N GLU A 71 0.27 24.87 -19.44
CA GLU A 71 0.65 23.46 -19.50
C GLU A 71 1.14 22.99 -18.14
N VAL A 72 2.15 23.68 -17.61
CA VAL A 72 2.71 23.34 -16.32
C VAL A 72 1.69 23.43 -15.20
N LEU A 73 1.20 24.64 -14.93
CA LEU A 73 0.23 24.84 -13.88
C LEU A 73 -0.93 23.85 -13.89
N GLU A 74 -1.31 23.34 -15.06
CA GLU A 74 -2.41 22.40 -15.10
C GLU A 74 -1.98 20.98 -14.79
N ALA A 75 -0.72 20.67 -15.07
CA ALA A 75 -0.19 19.34 -14.79
C ALA A 75 -0.17 19.24 -13.27
N VAL A 76 0.30 20.32 -12.64
CA VAL A 76 0.38 20.40 -11.20
C VAL A 76 -1.00 20.16 -10.60
N GLN A 77 -1.99 20.86 -11.13
CA GLN A 77 -3.36 20.73 -10.68
C GLN A 77 -3.81 19.27 -10.81
N ARG A 78 -3.55 18.72 -11.98
CA ARG A 78 -3.88 17.35 -12.33
C ARG A 78 -3.13 16.32 -11.46
N SER A 79 -1.92 16.65 -11.08
CA SER A 79 -1.11 15.76 -10.24
C SER A 79 -1.49 15.84 -8.76
N LEU A 80 -1.93 17.01 -8.32
CA LEU A 80 -2.30 17.21 -6.92
C LEU A 80 -3.73 16.81 -6.59
N VAL A 81 -4.63 16.90 -7.58
CA VAL A 81 -6.01 16.59 -7.28
C VAL A 81 -6.67 15.52 -8.14
N LEU A 82 -6.94 15.85 -9.40
CA LEU A 82 -7.59 14.91 -10.32
C LEU A 82 -7.08 13.48 -10.31
N GLN A 83 -5.79 13.33 -10.57
CA GLN A 83 -5.20 12.01 -10.65
C GLN A 83 -4.46 11.53 -9.42
N ARG A 84 -4.42 12.30 -8.34
CA ARG A 84 -3.72 11.85 -7.16
C ARG A 84 -4.36 10.56 -6.71
N PRO A 85 -3.60 9.47 -6.73
CA PRO A 85 -4.14 8.17 -6.32
C PRO A 85 -4.17 7.98 -4.82
N GLN A 86 -5.14 7.19 -4.37
CA GLN A 86 -5.28 6.87 -2.97
C GLN A 86 -4.98 5.40 -2.80
N THR A 87 -5.20 4.65 -3.87
CA THR A 87 -5.03 3.21 -3.84
C THR A 87 -4.24 2.64 -5.04
N TRP A 88 -3.83 1.39 -4.95
CA TRP A 88 -3.10 0.74 -6.04
C TRP A 88 -4.05 0.61 -7.22
N GLY A 89 -5.33 0.36 -6.93
CA GLY A 89 -6.34 0.24 -7.95
C GLY A 89 -6.51 1.58 -8.67
N ASP A 90 -6.22 2.67 -7.99
CA ASP A 90 -6.32 3.98 -8.62
C ASP A 90 -5.19 4.09 -9.64
N CYS A 91 -4.04 3.52 -9.32
CA CYS A 91 -2.90 3.56 -10.22
C CYS A 91 -3.17 2.70 -11.45
N VAL A 92 -3.74 1.51 -11.22
CA VAL A 92 -4.07 0.61 -12.31
C VAL A 92 -5.12 1.24 -13.19
N THR A 93 -6.02 1.99 -12.59
CA THR A 93 -7.06 2.66 -13.35
C THR A 93 -6.44 3.72 -14.21
N TRP A 94 -5.57 4.51 -13.61
CA TRP A 94 -4.89 5.58 -14.33
C TRP A 94 -4.16 5.06 -15.57
N ALA A 95 -3.40 3.99 -15.40
CA ALA A 95 -2.65 3.41 -16.49
C ALA A 95 -3.59 3.02 -17.63
N CYS A 96 -4.67 2.34 -17.29
CA CYS A 96 -5.64 1.92 -18.30
C CYS A 96 -6.20 3.14 -19.01
N HIS A 97 -6.47 4.21 -18.28
CA HIS A 97 -6.99 5.41 -18.92
C HIS A 97 -5.93 6.03 -19.82
N HIS A 98 -4.66 6.00 -19.40
CA HIS A 98 -3.61 6.59 -20.21
C HIS A 98 -3.40 5.76 -21.46
N TRP A 99 -3.54 4.45 -21.32
CA TRP A 99 -3.38 3.56 -22.44
C TRP A 99 -4.41 3.94 -23.51
N HIS A 100 -5.64 4.20 -23.06
CA HIS A 100 -6.69 4.59 -23.99
C HIS A 100 -6.38 5.94 -24.60
N THR A 101 -5.85 6.85 -23.81
CA THR A 101 -5.54 8.16 -24.35
C THR A 101 -4.52 8.08 -25.50
N GLN A 102 -3.45 7.32 -25.29
CA GLN A 102 -2.39 7.21 -26.27
C GLN A 102 -2.58 6.25 -27.44
N TYR A 103 -3.17 5.10 -27.20
CA TYR A 103 -3.33 4.08 -28.27
C TYR A 103 -4.74 4.02 -28.84
N CYS A 104 -5.64 4.88 -28.36
CA CYS A 104 -7.02 4.88 -28.86
C CYS A 104 -7.52 6.29 -29.14
N ASN A 105 -7.82 7.06 -28.09
CA ASN A 105 -8.33 8.40 -28.27
C ASN A 105 -7.51 9.30 -29.18
N ASN A 106 -6.26 9.58 -28.81
CA ASN A 106 -5.43 10.46 -29.62
C ASN A 106 -5.27 9.99 -31.06
N ILE A 107 -5.36 8.68 -31.28
CA ILE A 107 -5.24 8.15 -32.61
C ILE A 107 -6.51 8.57 -33.35
N ARG A 108 -7.67 8.28 -32.74
CA ARG A 108 -8.95 8.65 -33.34
C ARG A 108 -9.03 10.15 -33.60
N GLN A 109 -8.36 10.94 -32.77
CA GLN A 109 -8.38 12.38 -32.96
C GLN A 109 -7.55 12.74 -34.22
N LEU A 110 -6.40 12.10 -34.37
CA LEU A 110 -5.53 12.37 -35.51
C LEU A 110 -6.26 12.00 -36.80
N LEU A 111 -6.95 10.85 -36.79
CA LEU A 111 -7.71 10.38 -37.94
C LEU A 111 -8.90 11.30 -38.22
N HIS A 112 -9.25 12.11 -37.24
CA HIS A 112 -10.35 13.04 -37.42
C HIS A 112 -9.84 14.23 -38.21
N ASN A 113 -8.67 14.74 -37.84
CA ASN A 113 -8.04 15.88 -38.51
C ASN A 113 -7.52 15.48 -39.88
N PHE A 114 -7.17 14.21 -40.04
CA PHE A 114 -6.62 13.71 -41.30
C PHE A 114 -7.19 12.33 -41.56
N PRO A 115 -8.39 12.26 -42.16
CA PRO A 115 -9.01 10.95 -42.45
C PRO A 115 -8.07 10.12 -43.31
N PRO A 116 -8.28 8.80 -43.31
CA PRO A 116 -7.43 7.88 -44.10
C PRO A 116 -7.40 8.28 -45.58
N ASP A 117 -8.50 8.82 -46.08
CA ASP A 117 -8.57 9.21 -47.48
C ASP A 117 -8.33 10.70 -47.70
N GLN A 118 -7.66 11.36 -46.78
CA GLN A 118 -7.38 12.79 -46.92
C GLN A 118 -6.39 13.01 -48.06
N LEU A 119 -6.65 14.03 -48.88
CA LEU A 119 -5.79 14.37 -50.00
C LEU A 119 -5.12 15.70 -49.75
N THR A 120 -4.02 15.97 -50.45
CA THR A 120 -3.30 17.23 -50.30
C THR A 120 -3.95 18.20 -51.27
N SER A 121 -3.47 19.45 -51.30
CA SER A 121 -4.02 20.41 -52.24
C SER A 121 -3.59 20.00 -53.65
N SER A 122 -2.46 19.28 -53.75
CA SER A 122 -1.95 18.81 -55.02
C SER A 122 -2.66 17.52 -55.45
N GLY A 123 -3.68 17.12 -54.69
CA GLY A 123 -4.42 15.91 -55.01
C GLY A 123 -3.81 14.59 -54.57
N ALA A 124 -2.63 14.64 -53.94
CA ALA A 124 -1.95 13.44 -53.46
C ALA A 124 -2.55 12.91 -52.13
N PRO A 125 -2.29 11.63 -51.81
CA PRO A 125 -2.82 11.09 -50.55
C PRO A 125 -1.98 11.69 -49.42
N PHE A 126 -2.63 12.16 -48.36
CA PHE A 126 -1.89 12.73 -47.24
C PHE A 126 -1.10 11.62 -46.54
N TRP A 127 -1.74 10.48 -46.34
CA TRP A 127 -1.15 9.33 -45.69
C TRP A 127 -0.34 8.51 -46.68
N SER A 128 0.78 9.06 -47.11
CA SER A 128 1.61 8.38 -48.10
C SER A 128 3.09 8.67 -47.91
N GLY A 129 3.95 7.75 -48.36
CA GLY A 129 5.39 7.96 -48.23
C GLY A 129 5.91 7.76 -46.82
N PRO A 130 6.62 8.75 -46.27
CA PRO A 130 7.12 8.58 -44.91
C PRO A 130 5.99 8.54 -43.86
N LYS A 131 4.75 8.56 -44.33
CA LYS A 131 3.63 8.55 -43.42
C LYS A 131 2.85 7.25 -43.44
N ARG A 132 2.52 6.78 -42.26
CA ARG A 132 1.75 5.57 -42.12
C ARG A 132 0.47 5.97 -41.41
N CYS A 133 -0.66 5.66 -42.02
CA CYS A 133 -1.93 5.98 -41.41
C CYS A 133 -2.15 5.01 -40.27
N PRO A 134 -2.41 5.53 -39.06
CA PRO A 134 -2.62 4.64 -37.92
C PRO A 134 -4.07 4.18 -37.73
N HIS A 135 -4.25 3.24 -36.82
CA HIS A 135 -5.57 2.75 -36.46
C HIS A 135 -5.60 2.58 -34.93
N PRO A 136 -6.71 2.95 -34.29
CA PRO A 136 -6.84 2.85 -32.84
C PRO A 136 -6.88 1.41 -32.34
N LEU A 137 -6.31 1.19 -31.17
CA LEU A 137 -6.28 -0.15 -30.59
C LEU A 137 -7.48 -0.37 -29.67
N THR A 138 -7.76 -1.64 -29.38
CA THR A 138 -8.86 -1.97 -28.50
C THR A 138 -8.31 -2.77 -27.34
N PHE A 139 -8.44 -2.22 -26.12
CA PHE A 139 -7.90 -2.89 -24.95
C PHE A 139 -8.36 -4.34 -24.79
N ASP A 140 -7.43 -5.20 -24.41
CA ASP A 140 -7.70 -6.60 -24.20
C ASP A 140 -6.73 -7.15 -23.17
N VAL A 141 -7.26 -7.40 -21.98
CA VAL A 141 -6.47 -7.91 -20.88
C VAL A 141 -5.71 -9.17 -21.22
N ASN A 142 -6.27 -9.98 -22.11
CA ASN A 142 -5.63 -11.23 -22.47
C ASN A 142 -4.53 -11.05 -23.50
N ASN A 143 -4.26 -9.80 -23.86
CA ASN A 143 -3.21 -9.47 -24.79
C ASN A 143 -1.98 -9.11 -23.96
N THR A 144 -0.99 -9.99 -23.95
CA THR A 144 0.22 -9.77 -23.18
C THR A 144 0.80 -8.36 -23.26
N LEU A 145 0.84 -7.81 -24.47
CA LEU A 145 1.39 -6.46 -24.66
C LEU A 145 0.58 -5.48 -23.84
N HIS A 146 -0.73 -5.55 -23.95
CA HIS A 146 -1.59 -4.65 -23.21
C HIS A 146 -1.34 -4.74 -21.70
N LEU A 147 -1.31 -5.95 -21.18
CA LEU A 147 -1.06 -6.14 -19.77
C LEU A 147 0.35 -5.70 -19.40
N ASP A 148 1.34 -6.03 -20.24
CA ASP A 148 2.72 -5.62 -19.99
C ASP A 148 2.76 -4.11 -19.71
N TYR A 149 1.98 -3.36 -20.50
CA TYR A 149 1.95 -1.93 -20.38
C TYR A 149 1.38 -1.46 -19.07
N VAL A 150 0.20 -1.93 -18.72
CA VAL A 150 -0.42 -1.52 -17.47
C VAL A 150 0.49 -1.86 -16.30
N MET A 151 0.91 -3.11 -16.20
CA MET A 151 1.81 -3.52 -15.13
C MET A 151 2.96 -2.53 -14.95
N ALA A 152 3.64 -2.19 -16.03
CA ALA A 152 4.76 -1.27 -15.95
C ALA A 152 4.34 0.17 -15.62
N ALA A 153 3.36 0.70 -16.34
CA ALA A 153 2.91 2.07 -16.13
C ALA A 153 2.31 2.32 -14.74
N ALA A 154 1.47 1.40 -14.28
CA ALA A 154 0.83 1.53 -12.99
C ALA A 154 1.87 1.49 -11.87
N ASN A 155 2.84 0.60 -12.00
CA ASN A 155 3.90 0.52 -11.00
C ASN A 155 4.72 1.81 -10.97
N LEU A 156 5.14 2.29 -12.12
CA LEU A 156 5.92 3.50 -12.16
C LEU A 156 5.09 4.64 -11.62
N PHE A 157 3.81 4.66 -11.96
CA PHE A 157 2.89 5.71 -11.50
C PHE A 157 2.75 5.65 -9.98
N ALA A 158 2.63 4.43 -9.45
CA ALA A 158 2.53 4.24 -8.00
C ALA A 158 3.77 4.83 -7.31
N GLN A 159 4.95 4.47 -7.80
CA GLN A 159 6.21 4.98 -7.25
C GLN A 159 6.22 6.48 -7.17
N THR A 160 5.79 7.11 -8.25
CA THR A 160 5.73 8.55 -8.33
C THR A 160 5.01 9.20 -7.15
N TYR A 161 4.10 8.46 -6.51
CA TYR A 161 3.36 8.98 -5.37
C TYR A 161 3.79 8.28 -4.06
N GLY A 162 4.82 7.44 -4.16
CA GLY A 162 5.31 6.75 -2.99
C GLY A 162 4.45 5.55 -2.59
N LEU A 163 3.68 5.02 -3.54
CA LEU A 163 2.84 3.87 -3.23
C LEU A 163 3.49 2.58 -3.61
N THR A 164 3.11 1.51 -2.94
CA THR A 164 3.64 0.19 -3.24
C THR A 164 2.82 -0.30 -4.41
N GLY A 165 3.47 -0.95 -5.36
CA GLY A 165 2.74 -1.46 -6.51
C GLY A 165 2.61 -2.95 -6.34
N SER A 166 2.49 -3.66 -7.45
CA SER A 166 2.37 -5.11 -7.42
C SER A 166 2.78 -5.70 -8.76
N GLN A 167 3.27 -6.94 -8.72
CA GLN A 167 3.69 -7.60 -9.94
C GLN A 167 2.77 -8.79 -10.19
N ASP A 168 1.64 -8.78 -9.49
CA ASP A 168 0.66 -9.85 -9.63
C ASP A 168 -0.19 -9.59 -10.86
N ARG A 169 0.15 -10.23 -11.97
CA ARG A 169 -0.60 -10.01 -13.20
C ARG A 169 -2.06 -10.41 -13.08
N ALA A 170 -2.31 -11.53 -12.40
CA ALA A 170 -3.68 -12.01 -12.23
C ALA A 170 -4.52 -11.00 -11.46
N ALA A 171 -3.94 -10.42 -10.41
CA ALA A 171 -4.67 -9.45 -9.62
C ALA A 171 -5.03 -8.22 -10.44
N VAL A 172 -4.05 -7.69 -11.14
CA VAL A 172 -4.28 -6.50 -11.94
C VAL A 172 -5.32 -6.77 -13.02
N ALA A 173 -5.27 -7.97 -13.60
CA ALA A 173 -6.22 -8.36 -14.64
C ALA A 173 -7.61 -8.31 -14.05
N SER A 174 -7.72 -8.82 -12.83
CA SER A 174 -8.99 -8.82 -12.14
C SER A 174 -9.45 -7.38 -11.85
N LEU A 175 -8.56 -6.55 -11.30
CA LEU A 175 -8.93 -5.18 -11.01
C LEU A 175 -9.37 -4.47 -12.28
N LEU A 176 -8.72 -4.77 -13.41
CA LEU A 176 -9.05 -4.11 -14.66
C LEU A 176 -10.48 -4.36 -15.11
N GLN A 177 -10.99 -5.57 -14.86
CA GLN A 177 -12.36 -5.90 -15.27
C GLN A 177 -13.36 -4.86 -14.79
N SER A 178 -13.07 -4.24 -13.67
CA SER A 178 -13.98 -3.25 -13.11
C SER A 178 -13.66 -1.83 -13.53
N VAL A 179 -12.61 -1.64 -14.33
CA VAL A 179 -12.24 -0.29 -14.75
C VAL A 179 -13.05 0.19 -15.95
N GLN A 180 -13.72 1.33 -15.80
CA GLN A 180 -14.52 1.88 -16.89
C GLN A 180 -13.83 3.05 -17.52
N VAL A 181 -13.80 3.06 -18.84
CA VAL A 181 -13.15 4.12 -19.57
C VAL A 181 -14.13 5.18 -20.07
N PRO A 182 -13.82 6.46 -19.80
CA PRO A 182 -14.69 7.55 -20.23
C PRO A 182 -14.80 7.49 -21.76
N GLU A 183 -16.01 7.65 -22.30
CA GLU A 183 -16.15 7.63 -23.75
C GLU A 183 -15.34 8.80 -24.28
N PHE A 184 -14.98 8.71 -25.55
CA PHE A 184 -14.20 9.77 -26.17
C PHE A 184 -14.78 10.08 -27.54
N THR A 185 -14.64 11.34 -27.94
CA THR A 185 -15.11 11.77 -29.23
C THR A 185 -14.18 12.88 -29.68
N PRO A 186 -13.67 12.80 -30.92
CA PRO A 186 -12.75 13.80 -31.46
C PRO A 186 -13.38 15.18 -31.50
N LYS A 187 -12.60 16.20 -31.12
CA LYS A 187 -13.11 17.57 -31.11
C LYS A 187 -12.71 18.29 -32.39
N SER A 188 -13.22 19.50 -32.57
CA SER A 188 -12.95 20.27 -33.78
C SER A 188 -11.67 21.09 -33.84
N GLY A 189 -11.52 22.05 -32.94
CA GLY A 189 -10.34 22.90 -32.96
C GLY A 189 -9.03 22.37 -32.39
N VAL A 190 -8.63 21.17 -32.80
CA VAL A 190 -7.39 20.61 -32.27
C VAL A 190 -6.26 20.80 -33.26
N LYS A 191 -5.24 21.54 -32.84
CA LYS A 191 -4.08 21.78 -33.70
C LYS A 191 -3.09 20.61 -33.67
N ILE A 192 -2.85 20.04 -34.85
CA ILE A 192 -1.91 18.95 -35.00
C ILE A 192 -1.00 19.38 -36.14
N HIS A 193 0.16 19.90 -35.79
CA HIS A 193 1.13 20.38 -36.78
C HIS A 193 1.73 19.30 -37.66
N VAL A 194 2.00 19.68 -38.91
CA VAL A 194 2.58 18.75 -39.88
C VAL A 194 4.03 19.11 -40.19
N SER A 195 4.38 20.37 -39.94
CA SER A 195 5.74 20.84 -40.16
C SER A 195 6.16 21.55 -38.88
N ASP A 196 7.46 21.62 -38.63
CA ASP A 196 7.92 22.32 -37.43
C ASP A 196 7.71 23.80 -37.60
N GLN A 197 6.43 24.19 -37.61
CA GLN A 197 6.01 25.57 -37.76
C GLN A 197 4.99 25.85 -36.68
N GLU A 198 5.48 26.28 -35.53
CA GLU A 198 4.63 26.54 -34.38
C GLU A 198 4.27 28.02 -34.21
N LEU A 199 3.00 28.28 -33.91
CA LEU A 199 2.52 29.65 -33.72
C LEU A 199 2.62 30.08 -32.26
N VAL A 206 -8.94 32.88 -22.68
CA VAL A 206 -8.58 31.47 -22.52
C VAL A 206 -7.06 31.39 -22.33
N ASP A 207 -6.42 32.56 -22.38
CA ASP A 207 -4.97 32.66 -22.19
C ASP A 207 -4.62 33.08 -20.78
N ASP A 208 -5.32 34.09 -20.26
CA ASP A 208 -5.04 34.60 -18.93
C ASP A 208 -6.19 34.46 -17.93
N SER A 209 -7.31 33.89 -18.36
CA SER A 209 -8.46 33.70 -17.47
C SER A 209 -8.47 32.23 -17.04
N ARG A 210 -8.06 31.36 -17.98
CA ARG A 210 -7.97 29.93 -17.70
C ARG A 210 -6.84 29.84 -16.67
N LEU A 211 -5.84 30.67 -16.89
CA LEU A 211 -4.64 30.79 -16.06
C LEU A 211 -5.01 31.30 -14.66
N GLU A 212 -5.82 32.34 -14.62
CA GLU A 212 -6.25 32.92 -13.36
C GLU A 212 -7.07 31.90 -12.58
N GLU A 213 -7.93 31.17 -13.28
CA GLU A 213 -8.76 30.15 -12.66
C GLU A 213 -7.88 29.20 -11.84
N LEU A 214 -6.79 28.75 -12.46
CA LEU A 214 -5.87 27.85 -11.80
C LEU A 214 -5.32 28.46 -10.51
N LYS A 215 -4.85 29.71 -10.60
CA LYS A 215 -4.28 30.40 -9.43
C LYS A 215 -5.17 30.37 -8.18
N ALA A 216 -6.48 30.32 -8.39
CA ALA A 216 -7.41 30.29 -7.26
C ALA A 216 -7.82 28.85 -6.98
N THR A 217 -7.54 27.98 -7.94
CA THR A 217 -7.86 26.55 -7.84
C THR A 217 -6.75 25.75 -7.14
N LEU A 218 -5.53 25.88 -7.63
CA LEU A 218 -4.39 25.16 -7.07
C LEU A 218 -4.37 25.23 -5.55
N PRO A 219 -4.61 24.08 -4.89
CA PRO A 219 -4.62 24.04 -3.44
C PRO A 219 -3.37 24.71 -2.87
N SER A 220 -3.49 25.22 -1.65
CA SER A 220 -2.36 25.88 -1.01
C SER A 220 -1.45 24.82 -0.38
N PRO A 221 -0.13 24.95 -0.60
CA PRO A 221 0.84 24.00 -0.05
C PRO A 221 0.53 23.55 1.38
N ASP A 222 0.20 24.51 2.24
CA ASP A 222 -0.10 24.23 3.65
C ASP A 222 -1.37 23.42 3.84
N LYS A 223 -2.19 23.34 2.80
CA LYS A 223 -3.43 22.59 2.87
C LYS A 223 -3.17 21.13 2.52
N LEU A 224 -1.90 20.82 2.26
CA LEU A 224 -1.47 19.46 1.91
C LEU A 224 -0.22 19.10 2.70
N PRO A 225 -0.38 18.88 4.01
CA PRO A 225 0.72 18.52 4.93
C PRO A 225 1.55 17.32 4.50
N GLY A 226 2.86 17.47 4.57
CA GLY A 226 3.77 16.40 4.21
C GLY A 226 3.45 15.56 2.99
N PHE A 227 2.84 16.17 1.98
CA PHE A 227 2.54 15.45 0.75
C PHE A 227 3.76 15.69 -0.13
N LYS A 228 4.21 14.65 -0.83
CA LYS A 228 5.35 14.81 -1.73
C LYS A 228 5.36 13.74 -2.80
N MET A 229 6.08 14.00 -3.88
CA MET A 229 6.16 13.04 -4.96
C MET A 229 7.60 12.60 -5.20
N TYR A 230 7.76 11.43 -5.79
CA TYR A 230 9.07 10.87 -6.01
C TYR A 230 9.47 10.73 -7.48
N PRO A 231 10.10 11.77 -8.04
CA PRO A 231 10.55 11.75 -9.45
C PRO A 231 11.41 10.52 -9.71
N ILE A 232 11.26 9.94 -10.90
CA ILE A 232 12.03 8.76 -11.25
C ILE A 232 13.05 9.01 -12.36
N ASP A 233 14.32 8.76 -12.08
CA ASP A 233 15.34 8.97 -13.12
C ASP A 233 15.45 7.67 -13.91
N PHE A 234 15.36 7.81 -15.24
CA PHE A 234 15.42 6.69 -16.15
C PHE A 234 16.76 5.94 -16.09
N GLU A 235 16.69 4.63 -15.88
CA GLU A 235 17.88 3.78 -15.82
C GLU A 235 17.70 2.56 -16.71
N LYS A 236 18.22 2.62 -17.93
CA LYS A 236 18.09 1.51 -18.84
C LYS A 236 18.83 0.23 -18.46
N ASP A 237 19.79 0.33 -17.57
CA ASP A 237 20.64 -0.82 -17.25
C ASP A 237 20.06 -1.73 -16.16
N ASP A 238 19.37 -1.20 -15.17
CA ASP A 238 18.84 -2.07 -14.12
C ASP A 238 17.67 -2.94 -14.59
N ASP A 239 17.95 -4.14 -15.07
CA ASP A 239 16.87 -5.00 -15.54
C ASP A 239 15.77 -5.31 -14.53
N SER A 240 15.99 -4.98 -13.27
CA SER A 240 15.01 -5.24 -12.22
C SER A 240 13.97 -4.12 -12.18
N ASN A 241 14.19 -3.09 -13.00
CA ASN A 241 13.27 -1.97 -13.12
C ASN A 241 12.11 -2.39 -13.99
N PHE A 242 11.25 -1.41 -14.20
CA PHE A 242 10.14 -1.53 -15.10
C PHE A 242 10.34 -0.55 -16.25
N HIS A 243 11.43 0.21 -16.09
CA HIS A 243 11.87 1.23 -17.03
C HIS A 243 11.91 0.73 -18.47
N MET A 244 12.65 -0.34 -18.72
CA MET A 244 12.71 -0.89 -20.05
C MET A 244 11.41 -1.62 -20.34
N ASP A 245 10.78 -2.17 -19.29
CA ASP A 245 9.52 -2.87 -19.47
C ASP A 245 8.55 -1.89 -20.11
N PHE A 246 8.56 -0.66 -19.60
CA PHE A 246 7.69 0.40 -20.07
C PHE A 246 8.04 0.82 -21.48
N ILE A 247 9.32 1.14 -21.70
CA ILE A 247 9.80 1.57 -23.01
C ILE A 247 9.38 0.57 -24.08
N VAL A 248 9.70 -0.70 -23.88
CA VAL A 248 9.35 -1.71 -24.87
C VAL A 248 7.85 -1.80 -25.10
N ALA A 249 7.06 -1.78 -24.03
CA ALA A 249 5.61 -1.88 -24.16
C ALA A 249 5.01 -0.63 -24.79
N ALA A 250 5.39 0.53 -24.27
CA ALA A 250 4.86 1.80 -24.78
C ALA A 250 5.16 1.93 -26.26
N SER A 251 6.40 1.58 -26.62
CA SER A 251 6.90 1.63 -27.98
C SER A 251 6.22 0.65 -28.94
N ASN A 252 6.17 -0.62 -28.58
CA ASN A 252 5.54 -1.59 -29.45
C ASN A 252 4.04 -1.35 -29.65
N LEU A 253 3.40 -0.73 -28.67
CA LEU A 253 1.98 -0.45 -28.81
C LEU A 253 1.83 0.67 -29.82
N ARG A 254 2.65 1.70 -29.69
CA ARG A 254 2.58 2.80 -30.63
C ARG A 254 2.93 2.29 -32.03
N ALA A 255 3.90 1.38 -32.10
CA ALA A 255 4.30 0.80 -33.36
C ALA A 255 3.10 0.08 -33.98
N GLU A 256 2.34 -0.64 -33.17
CA GLU A 256 1.16 -1.36 -33.66
C GLU A 256 0.09 -0.39 -34.15
N ASN A 257 0.08 0.83 -33.63
CA ASN A 257 -0.88 1.81 -34.10
C ASN A 257 -0.54 2.12 -35.55
N TYR A 258 0.74 2.39 -35.78
CA TYR A 258 1.23 2.76 -37.10
C TYR A 258 1.74 1.63 -38.00
N ASP A 259 1.29 0.41 -37.75
CA ASP A 259 1.69 -0.74 -38.54
C ASP A 259 3.19 -0.77 -38.73
N ILE A 260 3.90 -0.65 -37.60
CA ILE A 260 5.36 -0.70 -37.59
C ILE A 260 5.74 -2.00 -36.89
N SER A 261 6.69 -2.71 -37.47
CA SER A 261 7.12 -3.97 -36.88
C SER A 261 7.71 -3.75 -35.49
N PRO A 262 7.24 -4.53 -34.51
CA PRO A 262 7.69 -4.45 -33.11
C PRO A 262 9.13 -4.87 -32.97
N ALA A 263 9.77 -4.44 -31.88
CA ALA A 263 11.15 -4.78 -31.58
C ALA A 263 11.14 -5.39 -30.19
N ASP A 264 11.76 -6.54 -30.00
CA ASP A 264 11.77 -7.15 -28.67
C ASP A 264 12.63 -6.34 -27.68
N ARG A 265 12.51 -6.68 -26.40
CA ARG A 265 13.26 -5.99 -25.36
C ARG A 265 14.74 -5.79 -25.71
N HIS A 266 15.35 -6.84 -26.25
CA HIS A 266 16.75 -6.82 -26.63
C HIS A 266 17.06 -5.92 -27.81
N LYS A 267 16.31 -6.03 -28.89
CA LYS A 267 16.56 -5.17 -30.05
C LYS A 267 16.24 -3.75 -29.65
N SER A 268 15.20 -3.59 -28.84
CA SER A 268 14.80 -2.26 -28.41
C SER A 268 15.90 -1.57 -27.63
N LYS A 269 16.50 -2.24 -26.65
CA LYS A 269 17.59 -1.61 -25.90
C LYS A 269 18.78 -1.47 -26.83
N LEU A 270 18.92 -2.35 -27.81
CA LEU A 270 20.06 -2.24 -28.74
C LEU A 270 19.85 -1.10 -29.71
N ILE A 271 18.61 -0.93 -30.21
CA ILE A 271 18.30 0.13 -31.16
C ILE A 271 18.09 1.38 -30.33
N ALA A 272 18.07 1.18 -29.03
CA ALA A 272 17.89 2.31 -28.14
C ALA A 272 19.25 2.92 -27.78
N GLY A 273 20.15 3.04 -28.74
CA GLY A 273 21.39 3.72 -28.44
C GLY A 273 21.13 5.21 -28.31
N LYS A 274 19.86 5.50 -28.65
CA LYS A 274 19.16 6.81 -28.66
C LYS A 274 18.38 6.98 -27.33
N ILE B 14 27.29 -4.95 30.34
CA ILE B 14 28.22 -4.07 29.56
C ILE B 14 28.00 -2.59 29.79
N PRO B 15 29.08 -1.86 30.07
CA PRO B 15 28.98 -0.41 30.30
C PRO B 15 28.06 0.20 29.26
N ILE B 16 27.13 1.04 29.71
CA ILE B 16 26.20 1.70 28.83
C ILE B 16 26.95 2.54 27.81
N CYS B 17 27.77 3.45 28.32
CA CYS B 17 28.54 4.36 27.49
C CYS B 17 29.33 3.66 26.39
N THR B 18 29.75 2.42 26.64
CA THR B 18 30.49 1.69 25.62
C THR B 18 29.51 1.30 24.51
N LEU B 19 28.32 0.88 24.92
CA LEU B 19 27.26 0.50 24.01
C LEU B 19 26.80 1.67 23.18
N LYS B 20 26.46 2.75 23.88
CA LYS B 20 25.96 3.96 23.27
C LYS B 20 26.92 4.81 22.48
N ASN B 21 28.11 5.07 23.02
CA ASN B 21 29.01 6.00 22.37
C ASN B 21 30.35 5.40 22.00
N PHE B 22 30.89 4.49 22.81
CA PHE B 22 32.21 3.98 22.50
C PHE B 22 32.37 2.46 22.28
N PRO B 23 31.77 1.94 21.21
CA PRO B 23 31.92 0.51 20.96
C PRO B 23 33.32 0.26 20.39
N ASN B 24 33.83 -0.96 20.55
CA ASN B 24 35.15 -1.31 19.99
C ASN B 24 35.17 -2.74 19.47
N ALA B 25 34.05 -3.44 19.64
CA ALA B 25 33.91 -4.82 19.19
C ALA B 25 32.53 -5.12 18.59
N ILE B 26 32.52 -5.99 17.58
CA ILE B 26 31.30 -6.37 16.89
C ILE B 26 30.20 -6.83 17.83
N GLU B 27 30.56 -7.27 19.02
CA GLU B 27 29.54 -7.72 19.97
C GLU B 27 28.80 -6.49 20.49
N HIS B 28 29.50 -5.36 20.62
CA HIS B 28 28.89 -4.12 21.10
C HIS B 28 27.89 -3.62 20.06
N THR B 29 28.36 -3.65 18.82
CA THR B 29 27.61 -3.23 17.68
C THR B 29 26.31 -4.03 17.55
N LEU B 30 26.40 -5.36 17.59
CA LEU B 30 25.21 -6.21 17.49
C LEU B 30 24.23 -5.98 18.64
N GLN B 31 24.75 -5.81 19.85
CA GLN B 31 23.93 -5.56 21.01
C GLN B 31 23.14 -4.27 20.75
N TRP B 32 23.85 -3.25 20.32
CA TRP B 32 23.26 -1.95 19.99
C TRP B 32 22.13 -2.15 18.96
N ALA B 33 22.40 -2.90 17.91
CA ALA B 33 21.42 -3.15 16.87
C ALA B 33 20.15 -3.76 17.46
N ARG B 34 20.32 -4.71 18.38
CA ARG B 34 19.16 -5.34 19.00
C ARG B 34 18.39 -4.30 19.80
N ASP B 35 19.12 -3.43 20.49
CA ASP B 35 18.50 -2.37 21.28
C ASP B 35 17.68 -1.49 20.33
N GLU B 36 18.31 -1.14 19.21
CA GLU B 36 17.69 -0.31 18.19
C GLU B 36 16.36 -0.94 17.78
N PHE B 37 16.39 -2.23 17.44
CA PHE B 37 15.18 -2.94 17.04
C PHE B 37 14.04 -2.74 18.06
N GLU B 38 14.34 -2.85 19.35
CA GLU B 38 13.32 -2.66 20.38
C GLU B 38 12.82 -1.22 20.43
N GLY B 39 13.74 -0.26 20.33
CA GLY B 39 13.37 1.13 20.40
C GLY B 39 12.67 1.67 19.18
N LEU B 40 12.83 0.98 18.05
CA LEU B 40 12.20 1.42 16.84
C LEU B 40 10.92 0.71 16.47
N PHE B 41 10.87 -0.60 16.65
CA PHE B 41 9.73 -1.36 16.15
C PHE B 41 8.90 -2.01 17.24
N LYS B 42 9.21 -1.82 18.51
CA LYS B 42 8.35 -2.43 19.52
C LYS B 42 7.80 -1.42 20.53
N GLN B 43 8.72 -0.80 21.26
CA GLN B 43 8.36 0.19 22.26
C GLN B 43 7.42 1.29 21.79
N PRO B 44 7.79 2.04 20.75
CA PRO B 44 6.91 3.11 20.26
C PRO B 44 5.47 2.67 20.06
N ALA B 45 5.30 1.58 19.33
CA ALA B 45 3.98 1.05 19.05
C ALA B 45 3.25 0.68 20.35
N GLU B 46 3.94 -0.04 21.22
CA GLU B 46 3.34 -0.45 22.49
C GLU B 46 2.83 0.76 23.28
N ASN B 47 3.67 1.77 23.48
CA ASN B 47 3.23 2.94 24.23
C ASN B 47 2.06 3.58 23.54
N VAL B 48 2.14 3.73 22.22
CA VAL B 48 1.08 4.36 21.46
C VAL B 48 -0.24 3.62 21.62
N ASN B 49 -0.19 2.30 21.68
CA ASN B 49 -1.43 1.57 21.85
C ASN B 49 -2.00 1.84 23.23
N GLN B 50 -1.17 1.71 24.24
CA GLN B 50 -1.58 1.96 25.61
C GLN B 50 -2.16 3.35 25.76
N TYR B 51 -1.46 4.34 25.20
CA TYR B 51 -1.95 5.72 25.27
C TYR B 51 -3.35 5.83 24.68
N LEU B 52 -3.64 5.00 23.69
CA LEU B 52 -4.95 5.02 23.05
C LEU B 52 -5.94 4.10 23.75
N THR B 53 -5.50 3.45 24.80
CA THR B 53 -6.37 2.55 25.55
C THR B 53 -6.83 3.13 26.89
N ASP B 54 -5.89 3.47 27.78
CA ASP B 54 -6.29 4.05 29.06
C ASP B 54 -6.11 5.56 29.11
N SER B 55 -6.39 6.05 30.31
CA SER B 55 -6.16 7.43 30.67
C SER B 55 -5.06 7.46 31.70
N LYS B 56 -5.01 6.30 32.32
CA LYS B 56 -4.02 5.89 33.31
C LYS B 56 -2.62 5.99 32.70
N PHE B 57 -2.54 6.12 31.37
CA PHE B 57 -1.26 6.19 30.68
C PHE B 57 -0.61 7.59 30.87
N VAL B 58 -1.32 8.64 30.48
CA VAL B 58 -0.78 10.00 30.62
C VAL B 58 -0.31 10.20 32.05
N GLU B 59 -1.13 9.75 33.00
CA GLU B 59 -0.82 9.86 34.42
C GLU B 59 0.29 8.90 34.84
N ARG B 60 0.00 7.60 34.79
CA ARG B 60 0.96 6.56 35.17
C ARG B 60 2.37 6.84 34.65
N THR B 61 2.47 7.09 33.35
CA THR B 61 3.74 7.38 32.69
C THR B 61 4.40 8.62 33.31
N LEU B 62 3.54 9.58 33.63
CA LEU B 62 3.91 10.87 34.22
C LEU B 62 4.46 10.72 35.63
N ARG B 63 4.19 9.59 36.26
CA ARG B 63 4.64 9.30 37.61
C ARG B 63 5.94 8.53 37.51
N LEU B 64 6.56 8.59 36.36
CA LEU B 64 7.77 7.85 36.24
C LEU B 64 9.05 8.64 36.40
N ALA B 65 10.02 7.91 36.90
CA ALA B 65 11.37 8.34 37.19
C ALA B 65 12.09 9.42 36.34
N GLY B 66 12.20 10.57 36.98
CA GLY B 66 12.88 11.72 36.44
C GLY B 66 12.72 12.17 34.99
N THR B 67 13.58 11.64 34.13
CA THR B 67 13.59 12.02 32.72
C THR B 67 12.65 11.23 31.79
N GLN B 68 12.36 9.98 32.15
CA GLN B 68 11.49 9.14 31.33
C GLN B 68 10.18 9.75 30.87
N PRO B 69 9.42 10.40 31.78
CA PRO B 69 8.16 11.00 31.33
C PRO B 69 8.25 11.76 30.01
N LEU B 70 9.15 12.73 29.91
CA LEU B 70 9.28 13.46 28.65
C LEU B 70 9.63 12.53 27.50
N GLU B 71 10.68 11.74 27.68
CA GLU B 71 11.12 10.79 26.67
C GLU B 71 9.92 10.04 26.08
N VAL B 72 9.17 9.37 26.94
CA VAL B 72 7.99 8.63 26.52
C VAL B 72 6.96 9.51 25.82
N LEU B 73 6.37 10.44 26.56
CA LEU B 73 5.36 11.31 25.99
C LEU B 73 5.75 11.94 24.66
N GLU B 74 7.03 12.17 24.41
CA GLU B 74 7.41 12.77 23.14
C GLU B 74 7.52 11.75 22.02
N ALA B 75 7.80 10.50 22.39
CA ALA B 75 7.90 9.44 21.41
C ALA B 75 6.49 9.26 20.88
N VAL B 76 5.53 9.23 21.79
CA VAL B 76 4.13 9.08 21.47
C VAL B 76 3.71 10.19 20.53
N GLN B 77 4.08 11.42 20.86
CA GLN B 77 3.76 12.58 20.02
C GLN B 77 4.35 12.36 18.61
N ARG B 78 5.62 11.98 18.59
CA ARG B 78 6.38 11.73 17.37
C ARG B 78 5.78 10.57 16.57
N SER B 79 5.27 9.56 17.27
CA SER B 79 4.68 8.40 16.60
C SER B 79 3.28 8.65 16.07
N LEU B 80 2.53 9.52 16.73
CA LEU B 80 1.16 9.83 16.33
C LEU B 80 1.04 10.92 15.31
N VAL B 81 2.01 11.84 15.28
CA VAL B 81 1.91 12.94 14.33
C VAL B 81 3.09 13.15 13.39
N LEU B 82 4.21 13.64 13.93
CA LEU B 82 5.40 13.91 13.11
C LEU B 82 5.79 12.83 12.12
N GLN B 83 6.01 11.62 12.63
CA GLN B 83 6.44 10.52 11.77
C GLN B 83 5.37 9.55 11.32
N ARG B 84 4.12 9.78 11.66
CA ARG B 84 3.08 8.85 11.24
C ARG B 84 3.09 8.85 9.72
N PRO B 85 3.38 7.69 9.12
CA PRO B 85 3.41 7.59 7.67
C PRO B 85 2.03 7.43 7.04
N GLN B 86 1.89 7.94 5.83
CA GLN B 86 0.64 7.83 5.09
C GLN B 86 0.91 6.92 3.91
N THR B 87 2.16 6.88 3.49
CA THR B 87 2.57 6.12 2.32
C THR B 87 3.83 5.25 2.53
N TRP B 88 4.10 4.34 1.60
CA TRP B 88 5.30 3.49 1.68
C TRP B 88 6.51 4.39 1.49
N GLY B 89 6.36 5.43 0.69
CA GLY B 89 7.43 6.37 0.44
C GLY B 89 7.74 7.13 1.70
N ASP B 90 6.74 7.27 2.57
CA ASP B 90 6.96 7.95 3.85
C ASP B 90 7.84 7.06 4.73
N CYS B 91 7.63 5.75 4.65
CA CYS B 91 8.42 4.82 5.43
C CYS B 91 9.86 4.79 4.94
N VAL B 92 10.03 4.78 3.62
CA VAL B 92 11.36 4.76 3.01
C VAL B 92 12.08 6.05 3.37
N THR B 93 11.34 7.14 3.43
CA THR B 93 11.93 8.43 3.77
C THR B 93 12.39 8.40 5.23
N TRP B 94 11.54 7.89 6.09
CA TRP B 94 11.86 7.79 7.49
C TRP B 94 13.15 7.01 7.72
N ALA B 95 13.25 5.84 7.09
CA ALA B 95 14.43 4.99 7.22
C ALA B 95 15.67 5.75 6.80
N CYS B 96 15.61 6.44 5.68
CA CYS B 96 16.75 7.20 5.22
C CYS B 96 17.10 8.28 6.26
N HIS B 97 16.10 8.92 6.81
CA HIS B 97 16.38 9.94 7.82
C HIS B 97 17.00 9.32 9.07
N HIS B 98 16.50 8.16 9.48
CA HIS B 98 17.04 7.51 10.65
C HIS B 98 18.48 7.07 10.42
N TRP B 99 18.74 6.61 9.19
CA TRP B 99 20.08 6.18 8.82
C TRP B 99 21.01 7.35 9.03
N HIS B 100 20.59 8.53 8.57
CA HIS B 100 21.42 9.71 8.73
C HIS B 100 21.61 10.07 10.19
N THR B 101 20.56 9.93 10.97
CA THR B 101 20.65 10.23 12.38
C THR B 101 21.72 9.37 13.07
N GLN B 102 21.66 8.06 12.82
CA GLN B 102 22.59 7.13 13.47
C GLN B 102 23.99 7.00 12.91
N TYR B 103 24.13 7.03 11.59
CA TYR B 103 25.44 6.83 10.99
C TYR B 103 26.12 8.08 10.48
N CYS B 104 25.45 9.21 10.69
CA CYS B 104 26.00 10.50 10.26
C CYS B 104 25.90 11.57 11.33
N ASN B 105 24.69 12.07 11.56
CA ASN B 105 24.49 13.13 12.54
C ASN B 105 25.03 12.85 13.93
N ASN B 106 24.53 11.81 14.59
CA ASN B 106 25.00 11.49 15.94
C ASN B 106 26.50 11.23 16.01
N ILE B 107 27.10 10.80 14.91
CA ILE B 107 28.53 10.57 14.90
C ILE B 107 29.19 11.95 14.93
N ARG B 108 28.76 12.83 14.02
CA ARG B 108 29.30 14.19 13.95
C ARG B 108 29.11 14.92 15.28
N GLN B 109 28.02 14.61 15.99
CA GLN B 109 27.79 15.23 17.29
C GLN B 109 28.84 14.74 18.30
N LEU B 110 29.09 13.44 18.32
CA LEU B 110 30.06 12.85 19.24
C LEU B 110 31.45 13.43 18.99
N LEU B 111 31.79 13.60 17.71
CA LEU B 111 33.09 14.18 17.33
C LEU B 111 33.15 15.65 17.69
N HIS B 112 31.99 16.24 17.94
CA HIS B 112 31.92 17.64 18.31
C HIS B 112 32.30 17.78 19.79
N ASN B 113 31.73 16.91 20.61
CA ASN B 113 32.00 16.86 22.05
C ASN B 113 33.41 16.33 22.33
N PHE B 114 33.92 15.48 21.44
CA PHE B 114 35.23 14.85 21.62
C PHE B 114 35.91 14.81 20.27
N PRO B 115 36.57 15.90 19.89
CA PRO B 115 37.27 15.93 18.60
C PRO B 115 38.27 14.78 18.53
N PRO B 116 38.71 14.42 17.30
CA PRO B 116 39.68 13.33 17.11
C PRO B 116 40.96 13.57 17.90
N ASP B 117 41.35 14.84 18.02
CA ASP B 117 42.56 15.17 18.75
C ASP B 117 42.33 15.60 20.21
N GLN B 118 41.21 15.22 20.78
CA GLN B 118 40.91 15.59 22.16
C GLN B 118 41.87 14.87 23.11
N LEU B 119 42.37 15.59 24.11
CA LEU B 119 43.28 15.02 25.10
C LEU B 119 42.60 14.96 26.46
N THR B 120 43.14 14.15 27.36
CA THR B 120 42.60 14.02 28.71
C THR B 120 43.29 15.08 29.54
N SER B 121 42.90 15.18 30.82
CA SER B 121 43.52 16.17 31.70
C SER B 121 44.96 15.72 31.93
N SER B 122 45.19 14.41 31.83
CA SER B 122 46.51 13.83 32.00
C SER B 122 47.35 13.95 30.72
N GLY B 123 46.81 14.63 29.71
CA GLY B 123 47.54 14.81 28.46
C GLY B 123 47.47 13.67 27.45
N ALA B 124 46.78 12.59 27.81
CA ALA B 124 46.64 11.44 26.92
C ALA B 124 45.56 11.66 25.85
N PRO B 125 45.59 10.87 24.77
CA PRO B 125 44.59 11.01 23.71
C PRO B 125 43.29 10.38 24.22
N PHE B 126 42.18 11.11 24.07
CA PHE B 126 40.89 10.60 24.54
C PHE B 126 40.51 9.37 23.73
N TRP B 127 40.72 9.47 22.43
CA TRP B 127 40.41 8.39 21.49
C TRP B 127 41.54 7.38 21.42
N SER B 128 41.72 6.61 22.48
CA SER B 128 42.80 5.66 22.53
C SER B 128 42.43 4.44 23.35
N GLY B 129 43.10 3.31 23.09
CA GLY B 129 42.81 2.10 23.85
C GLY B 129 41.49 1.45 23.52
N PRO B 130 40.63 1.21 24.51
CA PRO B 130 39.35 0.57 24.19
C PRO B 130 38.43 1.50 23.37
N LYS B 131 38.95 2.67 23.02
CA LYS B 131 38.15 3.59 22.25
C LYS B 131 38.62 3.75 20.82
N ARG B 132 37.66 3.75 19.91
CA ARG B 132 37.95 3.92 18.51
C ARG B 132 37.23 5.17 18.07
N CYS B 133 37.97 6.10 17.50
CA CYS B 133 37.36 7.35 17.04
C CYS B 133 36.57 7.05 15.78
N PRO B 134 35.28 7.42 15.78
CA PRO B 134 34.47 7.15 14.58
C PRO B 134 34.53 8.23 13.53
N HIS B 135 33.94 7.93 12.37
CA HIS B 135 33.83 8.88 11.27
C HIS B 135 32.43 8.70 10.70
N PRO B 136 31.77 9.82 10.32
CA PRO B 136 30.42 9.79 9.76
C PRO B 136 30.37 9.15 8.38
N LEU B 137 29.29 8.45 8.08
CA LEU B 137 29.12 7.81 6.78
C LEU B 137 28.37 8.73 5.82
N THR B 138 28.51 8.44 4.53
CA THR B 138 27.84 9.22 3.50
C THR B 138 26.92 8.29 2.72
N PHE B 139 25.61 8.54 2.76
CA PHE B 139 24.66 7.68 2.08
C PHE B 139 24.95 7.47 0.61
N ASP B 140 24.78 6.24 0.15
CA ASP B 140 25.02 5.89 -1.22
C ASP B 140 24.14 4.70 -1.56
N VAL B 141 23.12 4.96 -2.37
CA VAL B 141 22.17 3.95 -2.78
C VAL B 141 22.85 2.76 -3.44
N ASN B 142 23.97 2.99 -4.11
CA ASN B 142 24.66 1.92 -4.78
C ASN B 142 25.50 1.06 -3.85
N ASN B 143 25.46 1.40 -2.58
CA ASN B 143 26.19 0.65 -1.56
C ASN B 143 25.22 -0.36 -0.96
N THR B 144 25.42 -1.64 -1.29
CA THR B 144 24.55 -2.70 -0.81
C THR B 144 24.15 -2.61 0.65
N LEU B 145 25.12 -2.31 1.51
CA LEU B 145 24.88 -2.23 2.94
C LEU B 145 23.85 -1.14 3.20
N HIS B 146 24.08 0.03 2.62
CA HIS B 146 23.15 1.13 2.80
C HIS B 146 21.72 0.73 2.39
N LEU B 147 21.58 0.16 1.19
CA LEU B 147 20.28 -0.25 0.74
C LEU B 147 19.73 -1.35 1.63
N ASP B 148 20.56 -2.31 2.02
CA ASP B 148 20.11 -3.41 2.87
C ASP B 148 19.39 -2.84 4.08
N TYR B 149 19.98 -1.78 4.64
CA TYR B 149 19.44 -1.13 5.82
C TYR B 149 18.07 -0.50 5.57
N VAL B 150 17.97 0.36 4.56
CA VAL B 150 16.68 0.97 4.28
C VAL B 150 15.62 -0.08 4.04
N MET B 151 15.91 -1.03 3.15
CA MET B 151 14.95 -2.10 2.85
C MET B 151 14.37 -2.73 4.12
N ALA B 152 15.26 -3.07 5.04
CA ALA B 152 14.83 -3.71 6.26
C ALA B 152 14.13 -2.74 7.22
N ALA B 153 14.73 -1.60 7.47
CA ALA B 153 14.14 -0.62 8.38
C ALA B 153 12.78 -0.10 7.91
N ALA B 154 12.68 0.24 6.63
CA ALA B 154 11.44 0.77 6.08
C ALA B 154 10.33 -0.27 6.17
N ASN B 155 10.66 -1.52 5.89
CA ASN B 155 9.66 -2.55 5.96
C ASN B 155 9.17 -2.76 7.39
N LEU B 156 10.10 -2.86 8.34
CA LEU B 156 9.75 -3.03 9.74
C LEU B 156 8.92 -1.82 10.19
N PHE B 157 9.36 -0.62 9.78
CA PHE B 157 8.64 0.61 10.13
C PHE B 157 7.22 0.60 9.54
N ALA B 158 7.09 0.11 8.31
CA ALA B 158 5.78 0.04 7.67
C ALA B 158 4.86 -0.89 8.49
N GLN B 159 5.36 -2.08 8.82
CA GLN B 159 4.59 -3.03 9.62
C GLN B 159 4.06 -2.39 10.90
N THR B 160 4.93 -1.67 11.58
CA THR B 160 4.60 -0.99 12.81
C THR B 160 3.32 -0.14 12.69
N TYR B 161 3.00 0.31 11.49
CA TYR B 161 1.79 1.11 11.28
C TYR B 161 0.75 0.34 10.49
N GLY B 162 1.03 -0.94 10.24
CA GLY B 162 0.09 -1.76 9.52
C GLY B 162 0.09 -1.53 8.02
N LEU B 163 1.18 -0.99 7.51
CA LEU B 163 1.29 -0.74 6.08
C LEU B 163 2.01 -1.88 5.37
N THR B 164 1.73 -2.04 4.09
CA THR B 164 2.38 -3.06 3.29
C THR B 164 3.68 -2.42 2.86
N GLY B 165 4.75 -3.20 2.88
CA GLY B 165 6.02 -2.66 2.44
C GLY B 165 6.32 -3.19 1.06
N SER B 166 7.60 -3.33 0.74
CA SER B 166 8.01 -3.83 -0.55
C SER B 166 9.42 -4.36 -0.49
N GLN B 167 9.73 -5.35 -1.33
CA GLN B 167 11.06 -5.91 -1.38
C GLN B 167 11.72 -5.55 -2.70
N ASP B 168 11.11 -4.61 -3.41
CA ASP B 168 11.62 -4.16 -4.69
C ASP B 168 12.77 -3.18 -4.46
N ARG B 169 14.00 -3.69 -4.52
CA ARG B 169 15.15 -2.82 -4.30
C ARG B 169 15.26 -1.69 -5.31
N ALA B 170 14.92 -1.97 -6.57
CA ALA B 170 15.00 -0.96 -7.61
C ALA B 170 14.03 0.17 -7.33
N ALA B 171 12.82 -0.18 -6.92
CA ALA B 171 11.81 0.83 -6.65
C ALA B 171 12.23 1.73 -5.49
N VAL B 172 12.73 1.12 -4.42
CA VAL B 172 13.16 1.88 -3.25
C VAL B 172 14.33 2.79 -3.59
N ALA B 173 15.24 2.30 -4.42
CA ALA B 173 16.40 3.08 -4.83
C ALA B 173 15.90 4.29 -5.61
N SER B 174 14.89 4.07 -6.44
CA SER B 174 14.31 5.17 -7.20
C SER B 174 13.64 6.17 -6.24
N LEU B 175 12.84 5.67 -5.31
CA LEU B 175 12.16 6.56 -4.36
C LEU B 175 13.19 7.36 -3.55
N LEU B 176 14.31 6.74 -3.22
CA LEU B 176 15.33 7.43 -2.46
C LEU B 176 15.94 8.61 -3.16
N GLN B 177 16.08 8.55 -4.48
CA GLN B 177 16.66 9.67 -5.20
C GLN B 177 15.95 11.00 -4.88
N SER B 178 14.66 10.95 -4.59
CA SER B 178 13.90 12.15 -4.30
C SER B 178 13.87 12.50 -2.82
N VAL B 179 14.50 11.69 -1.98
CA VAL B 179 14.47 11.94 -0.54
C VAL B 179 15.51 12.97 -0.13
N GLN B 180 15.05 14.03 0.52
CA GLN B 180 15.96 15.08 0.97
C GLN B 180 16.18 15.03 2.46
N VAL B 181 17.45 15.09 2.85
CA VAL B 181 17.79 15.01 4.26
C VAL B 181 18.00 16.37 4.89
N PRO B 182 17.35 16.62 6.03
CA PRO B 182 17.48 17.91 6.72
C PRO B 182 18.94 18.10 7.06
N GLU B 183 19.49 19.28 6.84
CA GLU B 183 20.88 19.52 7.19
C GLU B 183 20.99 19.34 8.70
N PHE B 184 22.22 19.05 9.14
CA PHE B 184 22.45 18.85 10.57
C PHE B 184 23.70 19.60 10.98
N THR B 185 23.70 20.06 12.22
CA THR B 185 24.82 20.78 12.79
C THR B 185 24.86 20.42 14.27
N PRO B 186 26.03 20.02 14.78
CA PRO B 186 26.18 19.66 16.18
C PRO B 186 25.84 20.80 17.10
N LYS B 187 25.13 20.52 18.19
CA LYS B 187 24.74 21.55 19.16
C LYS B 187 25.72 21.60 20.32
N SER B 188 25.56 22.59 21.20
CA SER B 188 26.46 22.79 22.32
C SER B 188 26.21 21.98 23.57
N GLY B 189 25.06 22.17 24.19
CA GLY B 189 24.80 21.47 25.44
C GLY B 189 24.33 20.03 25.38
N VAL B 190 25.04 19.19 24.64
CA VAL B 190 24.62 17.80 24.54
C VAL B 190 25.43 16.91 25.48
N LYS B 191 24.75 16.29 26.43
CA LYS B 191 25.42 15.42 27.37
C LYS B 191 25.69 14.04 26.80
N ILE B 192 26.96 13.66 26.76
CA ILE B 192 27.37 12.34 26.27
C ILE B 192 28.28 11.80 27.37
N HIS B 193 27.72 10.94 28.21
CA HIS B 193 28.47 10.37 29.32
C HIS B 193 29.60 9.42 28.91
N VAL B 194 30.66 9.43 29.70
CA VAL B 194 31.82 8.59 29.45
C VAL B 194 31.93 7.46 30.48
N SER B 195 31.28 7.65 31.62
CA SER B 195 31.27 6.66 32.68
C SER B 195 29.82 6.49 33.09
N ASP B 196 29.47 5.33 33.64
CA ASP B 196 28.10 5.11 34.07
C ASP B 196 27.83 5.96 35.30
N GLN B 197 27.81 7.27 35.09
CA GLN B 197 27.56 8.25 36.14
C GLN B 197 26.52 9.22 35.60
N GLU B 198 25.27 8.87 35.84
CA GLU B 198 24.13 9.66 35.37
C GLU B 198 23.56 10.60 36.44
N LEU B 199 23.27 11.84 36.03
CA LEU B 199 22.71 12.83 36.94
C LEU B 199 21.18 12.81 36.91
N VAL B 206 11.91 23.70 31.53
CA VAL B 206 12.17 22.74 30.45
C VAL B 206 11.92 21.33 30.97
N ASP B 207 11.57 21.25 32.26
CA ASP B 207 11.28 19.98 32.91
C ASP B 207 9.79 19.75 33.01
N ASP B 208 9.05 20.77 33.41
CA ASP B 208 7.60 20.64 33.57
C ASP B 208 6.76 21.53 32.67
N SER B 209 7.41 22.33 31.83
CA SER B 209 6.68 23.21 30.92
C SER B 209 6.71 22.56 29.54
N ARG B 210 7.82 21.90 29.24
CA ARG B 210 7.98 21.18 27.98
C ARG B 210 6.98 20.04 28.08
N LEU B 211 6.87 19.52 29.30
CA LEU B 211 5.98 18.42 29.64
C LEU B 211 4.52 18.86 29.53
N GLU B 212 4.21 20.04 30.05
CA GLU B 212 2.86 20.58 29.99
C GLU B 212 2.47 20.83 28.53
N GLU B 213 3.41 21.35 27.74
CA GLU B 213 3.17 21.61 26.33
C GLU B 213 2.63 20.35 25.66
N LEU B 214 3.29 19.22 25.92
CA LEU B 214 2.86 17.95 25.35
C LEU B 214 1.43 17.60 25.73
N LYS B 215 1.11 17.71 27.03
CA LYS B 215 -0.24 17.41 27.51
C LYS B 215 -1.36 18.11 26.74
N ALA B 216 -1.07 19.30 26.20
CA ALA B 216 -2.09 20.02 25.45
C ALA B 216 -1.89 19.76 23.96
N THR B 217 -0.73 19.20 23.62
CA THR B 217 -0.38 18.90 22.23
C THR B 217 -0.87 17.51 21.81
N LEU B 218 -0.53 16.49 22.60
CA LEU B 218 -0.93 15.11 22.31
C LEU B 218 -2.39 15.01 21.92
N PRO B 219 -2.66 14.68 20.65
CA PRO B 219 -4.04 14.56 20.18
C PRO B 219 -4.86 13.69 21.11
N SER B 220 -6.17 13.91 21.13
CA SER B 220 -7.04 13.14 21.99
C SER B 220 -7.39 11.82 21.31
N PRO B 221 -7.30 10.71 22.05
CA PRO B 221 -7.61 9.38 21.50
C PRO B 221 -8.82 9.34 20.57
N ASP B 222 -9.90 10.00 20.97
CA ASP B 222 -11.13 10.04 20.19
C ASP B 222 -11.00 10.83 18.90
N LYS B 223 -9.95 11.62 18.79
CA LYS B 223 -9.71 12.41 17.59
C LYS B 223 -8.94 11.57 16.56
N LEU B 224 -8.68 10.31 16.92
CA LEU B 224 -7.96 9.37 16.05
C LEU B 224 -8.69 8.02 16.04
N PRO B 225 -9.86 7.97 15.40
CA PRO B 225 -10.70 6.77 15.29
C PRO B 225 -9.97 5.56 14.74
N GLY B 226 -10.18 4.41 15.41
CA GLY B 226 -9.57 3.16 14.99
C GLY B 226 -8.13 3.19 14.50
N PHE B 227 -7.31 4.08 15.05
CA PHE B 227 -5.90 4.14 14.66
C PHE B 227 -5.21 3.21 15.65
N LYS B 228 -4.26 2.43 15.16
CA LYS B 228 -3.52 1.54 16.06
C LYS B 228 -2.18 1.16 15.47
N MET B 229 -1.28 0.68 16.31
CA MET B 229 0.04 0.28 15.85
C MET B 229 0.29 -1.18 16.16
N TYR B 230 1.21 -1.77 15.42
CA TYR B 230 1.51 -3.18 15.57
C TYR B 230 2.91 -3.49 16.04
N PRO B 231 3.12 -3.56 17.36
CA PRO B 231 4.43 -3.85 17.94
C PRO B 231 4.99 -5.13 17.33
N ILE B 232 6.30 -5.20 17.16
CA ILE B 232 6.92 -6.37 16.57
C ILE B 232 7.85 -7.08 17.55
N ASP B 233 7.58 -8.35 17.81
CA ASP B 233 8.46 -9.10 18.71
C ASP B 233 9.60 -9.70 17.90
N PHE B 234 10.81 -9.44 18.36
CA PHE B 234 12.02 -9.92 17.70
C PHE B 234 12.10 -11.45 17.60
N GLU B 235 12.30 -11.96 16.39
CA GLU B 235 12.43 -13.40 16.16
C GLU B 235 13.64 -13.69 15.29
N LYS B 236 14.77 -14.01 15.92
CA LYS B 236 16.00 -14.30 15.20
C LYS B 236 15.98 -15.53 14.31
N ASP B 237 15.05 -16.44 14.58
CA ASP B 237 14.99 -17.68 13.82
C ASP B 237 14.29 -17.69 12.45
N ASP B 238 13.21 -16.93 12.31
CA ASP B 238 12.48 -16.91 11.05
C ASP B 238 13.25 -16.15 9.96
N ASP B 239 14.06 -16.87 9.19
CA ASP B 239 14.84 -16.24 8.13
C ASP B 239 14.03 -15.45 7.10
N SER B 240 12.71 -15.62 7.12
CA SER B 240 11.85 -14.91 6.16
C SER B 240 11.54 -13.51 6.66
N ASN B 241 12.01 -13.21 7.86
CA ASN B 241 11.83 -11.88 8.46
C ASN B 241 12.85 -10.95 7.88
N PHE B 242 12.80 -9.74 8.40
CA PHE B 242 13.78 -8.73 8.10
C PHE B 242 14.57 -8.42 9.37
N HIS B 243 14.13 -9.09 10.42
CA HIS B 243 14.69 -8.98 11.75
C HIS B 243 16.20 -9.12 11.77
N MET B 244 16.72 -10.23 11.25
CA MET B 244 18.14 -10.41 11.21
C MET B 244 18.70 -9.52 10.11
N ASP B 245 17.91 -9.27 9.07
CA ASP B 245 18.38 -8.42 7.97
C ASP B 245 18.78 -7.07 8.58
N PHE B 246 17.91 -6.60 9.47
CA PHE B 246 18.09 -5.32 10.16
C PHE B 246 19.29 -5.37 11.08
N ILE B 247 19.30 -6.35 11.97
CA ILE B 247 20.40 -6.52 12.91
C ILE B 247 21.75 -6.47 12.20
N VAL B 248 21.92 -7.31 11.18
CA VAL B 248 23.18 -7.36 10.46
C VAL B 248 23.53 -6.03 9.83
N ALA B 249 22.55 -5.38 9.19
CA ALA B 249 22.80 -4.10 8.52
C ALA B 249 23.06 -2.97 9.51
N ALA B 250 22.21 -2.86 10.52
CA ALA B 250 22.35 -1.82 11.53
C ALA B 250 23.72 -1.92 12.20
N SER B 251 24.07 -3.16 12.56
CA SER B 251 25.33 -3.50 13.21
C SER B 251 26.58 -3.25 12.35
N ASN B 252 26.59 -3.75 11.12
CA ASN B 252 27.78 -3.53 10.30
C ASN B 252 28.00 -2.07 9.91
N LEU B 253 26.91 -1.29 9.87
CA LEU B 253 27.03 0.12 9.53
C LEU B 253 27.67 0.80 10.73
N ARG B 254 27.17 0.49 11.93
CA ARG B 254 27.75 1.09 13.12
C ARG B 254 29.22 0.68 13.23
N ALA B 255 29.49 -0.58 12.88
CA ALA B 255 30.86 -1.07 12.94
C ALA B 255 31.72 -0.26 11.99
N GLU B 256 31.21 0.04 10.80
CA GLU B 256 31.97 0.83 9.84
C GLU B 256 32.21 2.24 10.35
N ASN B 257 31.35 2.73 11.24
CA ASN B 257 31.56 4.06 11.80
C ASN B 257 32.84 3.99 12.63
N TYR B 258 32.90 2.97 13.47
CA TYR B 258 34.01 2.78 14.39
C TYR B 258 35.20 1.92 13.92
N ASP B 259 35.33 1.78 12.61
CA ASP B 259 36.42 0.99 12.05
C ASP B 259 36.49 -0.36 12.72
N ILE B 260 35.35 -1.04 12.78
CA ILE B 260 35.26 -2.37 13.38
C ILE B 260 34.96 -3.33 12.23
N SER B 261 35.65 -4.45 12.19
CA SER B 261 35.45 -5.43 11.13
C SER B 261 34.02 -5.96 11.16
N PRO B 262 33.34 -5.94 10.01
CA PRO B 262 31.96 -6.42 9.86
C PRO B 262 31.88 -7.89 10.08
N ALA B 263 30.67 -8.37 10.38
CA ALA B 263 30.40 -9.79 10.58
C ALA B 263 29.26 -10.14 9.65
N ASP B 264 29.38 -11.21 8.87
CA ASP B 264 28.29 -11.56 7.96
C ASP B 264 27.07 -12.08 8.73
N ARG B 265 25.95 -12.20 8.03
CA ARG B 265 24.70 -12.68 8.61
C ARG B 265 24.89 -13.90 9.53
N HIS B 266 25.68 -14.85 9.05
CA HIS B 266 25.94 -16.08 9.79
C HIS B 266 26.78 -15.91 11.04
N LYS B 267 27.90 -15.19 10.94
CA LYS B 267 28.73 -14.95 12.12
C LYS B 267 27.94 -14.09 13.08
N SER B 268 27.18 -13.15 12.53
CA SER B 268 26.40 -12.25 13.35
C SER B 268 25.39 -13.01 14.20
N LYS B 269 24.63 -13.91 13.58
CA LYS B 269 23.64 -14.68 14.37
C LYS B 269 24.41 -15.63 15.28
N LEU B 270 25.60 -16.04 14.86
CA LEU B 270 26.40 -16.94 15.72
C LEU B 270 27.00 -16.19 16.89
N ILE B 271 27.51 -14.97 16.67
CA ILE B 271 28.10 -14.16 17.73
C ILE B 271 26.95 -13.50 18.44
N ALA B 272 25.77 -13.68 17.91
CA ALA B 272 24.59 -13.12 18.53
C ALA B 272 23.98 -14.10 19.51
N GLY B 273 24.81 -14.77 20.30
CA GLY B 273 24.28 -15.63 21.34
C GLY B 273 23.73 -14.79 22.47
N LYS B 274 24.04 -13.48 22.27
CA LYS B 274 23.70 -12.30 23.09
C LYS B 274 22.43 -11.62 22.50
N ILE C 14 -29.94 -28.20 -2.81
CA ILE C 14 -29.71 -28.59 -1.38
C ILE C 14 -30.42 -27.68 -0.39
N PRO C 15 -31.12 -28.29 0.59
CA PRO C 15 -31.85 -27.51 1.60
C PRO C 15 -30.96 -26.37 2.10
N ILE C 16 -31.54 -25.17 2.12
CA ILE C 16 -30.82 -24.00 2.57
C ILE C 16 -30.33 -24.21 3.99
N CYS C 17 -31.26 -24.49 4.89
CA CYS C 17 -30.94 -24.69 6.29
C CYS C 17 -29.79 -25.68 6.53
N THR C 18 -29.63 -26.65 5.64
CA THR C 18 -28.54 -27.60 5.83
C THR C 18 -27.23 -26.88 5.51
N LEU C 19 -27.28 -26.07 4.46
CA LEU C 19 -26.13 -25.28 4.03
C LEU C 19 -25.75 -24.25 5.07
N LYS C 20 -26.74 -23.47 5.48
CA LYS C 20 -26.55 -22.39 6.45
C LYS C 20 -26.28 -22.79 7.87
N ASN C 21 -27.08 -23.71 8.39
CA ASN C 21 -26.94 -24.08 9.78
C ASN C 21 -26.56 -25.50 10.13
N PHE C 22 -27.06 -26.46 9.36
CA PHE C 22 -26.81 -27.86 9.66
C PHE C 22 -26.08 -28.73 8.64
N PRO C 23 -24.80 -28.41 8.38
CA PRO C 23 -24.07 -29.22 7.40
C PRO C 23 -23.67 -30.55 8.07
N ASN C 24 -23.48 -31.60 7.29
CA ASN C 24 -23.04 -32.88 7.84
C ASN C 24 -22.03 -33.57 6.91
N ALA C 25 -21.76 -32.94 5.77
CA ALA C 25 -20.80 -33.47 4.80
C ALA C 25 -19.93 -32.39 4.16
N ILE C 26 -18.68 -32.73 3.91
CA ILE C 26 -17.71 -31.82 3.31
C ILE C 26 -18.23 -31.12 2.04
N GLU C 27 -19.22 -31.71 1.39
CA GLU C 27 -19.76 -31.09 0.19
C GLU C 27 -20.58 -29.87 0.58
N HIS C 28 -21.21 -29.93 1.76
CA HIS C 28 -22.03 -28.81 2.25
C HIS C 28 -21.12 -27.66 2.60
N THR C 29 -20.06 -28.02 3.30
CA THR C 29 -19.03 -27.11 3.74
C THR C 29 -18.42 -26.35 2.56
N LEU C 30 -17.97 -27.06 1.54
CA LEU C 30 -17.38 -26.43 0.36
C LEU C 30 -18.38 -25.51 -0.37
N GLN C 31 -19.62 -25.96 -0.48
CA GLN C 31 -20.65 -25.17 -1.14
C GLN C 31 -20.75 -23.85 -0.38
N TRP C 32 -20.83 -23.96 0.95
CA TRP C 32 -20.93 -22.80 1.83
C TRP C 32 -19.76 -21.85 1.57
N ALA C 33 -18.55 -22.42 1.50
CA ALA C 33 -17.34 -21.63 1.26
C ALA C 33 -17.45 -20.85 -0.05
N ARG C 34 -17.99 -21.48 -1.08
CA ARG C 34 -18.14 -20.80 -2.35
C ARG C 34 -19.13 -19.64 -2.18
N ASP C 35 -20.19 -19.91 -1.42
CA ASP C 35 -21.22 -18.90 -1.17
C ASP C 35 -20.56 -17.70 -0.49
N GLU C 36 -19.74 -18.04 0.49
CA GLU C 36 -19.02 -17.05 1.28
C GLU C 36 -18.22 -16.17 0.33
N PHE C 37 -17.43 -16.79 -0.54
CA PHE C 37 -16.61 -16.06 -1.51
C PHE C 37 -17.43 -15.03 -2.28
N GLU C 38 -18.62 -15.41 -2.72
CA GLU C 38 -19.50 -14.48 -3.46
C GLU C 38 -19.98 -13.34 -2.58
N GLY C 39 -20.36 -13.67 -1.34
CA GLY C 39 -20.89 -12.68 -0.43
C GLY C 39 -19.86 -11.74 0.16
N LEU C 40 -18.62 -12.17 0.14
CA LEU C 40 -17.57 -11.35 0.68
C LEU C 40 -16.76 -10.55 -0.33
N PHE C 41 -16.43 -11.16 -1.46
CA PHE C 41 -15.51 -10.50 -2.40
C PHE C 41 -16.16 -10.13 -3.73
N LYS C 42 -17.44 -10.37 -3.94
CA LYS C 42 -18.01 -9.95 -5.22
C LYS C 42 -19.22 -9.04 -5.06
N GLN C 43 -20.26 -9.58 -4.43
CA GLN C 43 -21.49 -8.84 -4.21
C GLN C 43 -21.33 -7.45 -3.60
N PRO C 44 -20.71 -7.36 -2.41
CA PRO C 44 -20.55 -6.05 -1.77
C PRO C 44 -19.96 -4.99 -2.70
N ALA C 45 -18.85 -5.33 -3.34
CA ALA C 45 -18.19 -4.42 -4.27
C ALA C 45 -19.14 -4.03 -5.40
N GLU C 46 -19.77 -5.03 -6.01
CA GLU C 46 -20.70 -4.76 -7.10
C GLU C 46 -21.79 -3.76 -6.71
N ASN C 47 -22.49 -4.02 -5.61
CA ASN C 47 -23.53 -3.11 -5.17
C ASN C 47 -22.95 -1.74 -4.92
N VAL C 48 -21.80 -1.71 -4.25
CA VAL C 48 -21.17 -0.43 -3.93
C VAL C 48 -20.85 0.37 -5.16
N ASN C 49 -20.42 -0.30 -6.22
CA ASN C 49 -20.11 0.42 -7.45
C ASN C 49 -21.39 0.99 -8.05
N GLN C 50 -22.41 0.14 -8.17
CA GLN C 50 -23.69 0.56 -8.70
C GLN C 50 -24.25 1.75 -7.93
N TYR C 51 -24.21 1.66 -6.60
CA TYR C 51 -24.71 2.73 -5.76
C TYR C 51 -23.99 4.03 -6.09
N LEU C 52 -22.72 3.92 -6.46
CA LEU C 52 -21.94 5.11 -6.79
C LEU C 52 -22.09 5.51 -8.25
N THR C 53 -22.88 4.74 -9.01
CA THR C 53 -23.10 5.04 -10.41
C THR C 53 -24.47 5.68 -10.67
N ASP C 54 -25.55 4.98 -10.34
CA ASP C 54 -26.87 5.55 -10.57
C ASP C 54 -27.50 6.12 -9.32
N SER C 55 -28.74 6.53 -9.52
CA SER C 55 -29.61 6.99 -8.46
C SER C 55 -30.74 5.99 -8.33
N LYS C 56 -30.89 5.32 -9.48
CA LYS C 56 -31.83 4.25 -9.75
C LYS C 56 -31.51 3.11 -8.80
N PHE C 57 -30.35 3.17 -8.14
CA PHE C 57 -29.96 2.11 -7.21
C PHE C 57 -30.72 2.20 -5.88
N VAL C 58 -30.64 3.35 -5.21
CA VAL C 58 -31.35 3.53 -3.94
C VAL C 58 -32.82 3.14 -4.12
N GLU C 59 -33.41 3.60 -5.22
CA GLU C 59 -34.79 3.32 -5.56
C GLU C 59 -35.00 1.86 -5.99
N ARG C 60 -34.44 1.49 -7.13
CA ARG C 60 -34.55 0.13 -7.67
C ARG C 60 -34.39 -0.95 -6.59
N THR C 61 -33.30 -0.85 -5.84
CA THR C 61 -32.99 -1.80 -4.76
C THR C 61 -34.13 -1.80 -3.73
N LEU C 62 -34.62 -0.60 -3.47
CA LEU C 62 -35.69 -0.33 -2.50
C LEU C 62 -37.04 -0.94 -2.92
N ARG C 63 -37.16 -1.26 -4.20
CA ARG C 63 -38.38 -1.85 -4.73
C ARG C 63 -38.21 -3.36 -4.69
N LEU C 64 -37.20 -3.80 -3.87
CA LEU C 64 -37.00 -5.25 -3.88
C LEU C 64 -37.65 -6.09 -2.78
N ALA C 65 -38.02 -7.20 -3.12
CA ALA C 65 -38.65 -8.19 -2.27
C ALA C 65 -38.37 -8.26 -0.76
N GLY C 66 -39.41 -7.83 -0.04
CA GLY C 66 -39.47 -7.84 1.42
C GLY C 66 -38.30 -7.43 2.28
N THR C 67 -37.44 -8.40 2.59
CA THR C 67 -36.28 -8.16 3.45
C THR C 67 -34.97 -7.66 2.77
N GLN C 68 -34.79 -8.05 1.50
CA GLN C 68 -33.59 -7.66 0.76
C GLN C 68 -33.20 -6.19 0.84
N PRO C 69 -34.16 -5.24 0.64
CA PRO C 69 -33.77 -3.84 0.71
C PRO C 69 -32.83 -3.47 1.86
N LEU C 70 -33.23 -3.78 3.08
CA LEU C 70 -32.35 -3.47 4.22
C LEU C 70 -31.01 -4.19 4.10
N GLU C 71 -31.07 -5.51 3.88
CA GLU C 71 -29.86 -6.32 3.74
C GLU C 71 -28.86 -5.61 2.82
N VAL C 72 -29.30 -5.31 1.61
CA VAL C 72 -28.45 -4.63 0.64
C VAL C 72 -27.98 -3.26 1.15
N LEU C 73 -28.92 -2.34 1.32
CA LEU C 73 -28.56 -1.00 1.78
C LEU C 73 -27.63 -0.96 2.98
N GLU C 74 -27.67 -1.97 3.84
CA GLU C 74 -26.78 -1.96 5.00
C GLU C 74 -25.40 -2.50 4.68
N ALA C 75 -25.31 -3.37 3.68
CA ALA C 75 -24.03 -3.92 3.27
C ALA C 75 -23.28 -2.74 2.69
N VAL C 76 -23.97 -1.97 1.87
CA VAL C 76 -23.40 -0.79 1.23
C VAL C 76 -22.86 0.14 2.29
N GLN C 77 -23.67 0.40 3.32
CA GLN C 77 -23.27 1.28 4.42
C GLN C 77 -22.01 0.73 5.08
N ARG C 78 -22.05 -0.57 5.35
CA ARG C 78 -20.96 -1.30 5.98
C ARG C 78 -19.70 -1.34 5.11
N SER C 79 -19.88 -1.38 3.79
CA SER C 79 -18.76 -1.40 2.86
C SER C 79 -18.15 -0.01 2.63
N LEU C 80 -18.98 1.03 2.72
CA LEU C 80 -18.51 2.39 2.50
C LEU C 80 -17.95 3.07 3.72
N VAL C 81 -18.40 2.66 4.90
CA VAL C 81 -17.92 3.32 6.10
C VAL C 81 -17.31 2.44 7.18
N LEU C 82 -18.16 1.67 7.86
CA LEU C 82 -17.69 0.81 8.93
C LEU C 82 -16.44 0.00 8.65
N GLN C 83 -16.49 -0.81 7.61
CA GLN C 83 -15.38 -1.67 7.27
C GLN C 83 -14.44 -1.20 6.18
N ARG C 84 -14.65 -0.01 5.65
CA ARG C 84 -13.76 0.49 4.61
C ARG C 84 -12.37 0.55 5.21
N PRO C 85 -11.43 -0.23 4.66
CA PRO C 85 -10.06 -0.24 5.18
C PRO C 85 -9.23 0.89 4.67
N GLN C 86 -8.27 1.32 5.48
CA GLN C 86 -7.37 2.39 5.09
C GLN C 86 -5.98 1.76 4.96
N THR C 87 -5.79 0.65 5.67
CA THR C 87 -4.49 0.01 5.70
C THR C 87 -4.57 -1.52 5.52
N TRP C 88 -3.44 -2.16 5.27
CA TRP C 88 -3.38 -3.61 5.12
C TRP C 88 -3.71 -4.23 6.48
N GLY C 89 -3.32 -3.55 7.55
CA GLY C 89 -3.60 -4.01 8.89
C GLY C 89 -5.10 -4.00 9.12
N ASP C 90 -5.80 -3.09 8.45
CA ASP C 90 -7.24 -3.02 8.59
C ASP C 90 -7.86 -4.26 7.96
N CYS C 91 -7.27 -4.72 6.86
CA CYS C 91 -7.77 -5.89 6.15
C CYS C 91 -7.52 -7.12 6.98
N VAL C 92 -6.33 -7.20 7.57
CA VAL C 92 -5.98 -8.34 8.41
C VAL C 92 -6.90 -8.38 9.63
N THR C 93 -7.25 -7.20 10.14
CA THR C 93 -8.13 -7.11 11.29
C THR C 93 -9.53 -7.61 10.90
N TRP C 94 -9.99 -7.13 9.75
CA TRP C 94 -11.29 -7.52 9.25
C TRP C 94 -11.41 -9.04 9.14
N ALA C 95 -10.42 -9.67 8.52
CA ALA C 95 -10.42 -11.11 8.34
C ALA C 95 -10.52 -11.83 9.67
N CYS C 96 -9.71 -11.40 10.63
CA CYS C 96 -9.74 -12.02 11.95
C CYS C 96 -11.13 -11.85 12.57
N HIS C 97 -11.74 -10.68 12.37
CA HIS C 97 -13.08 -10.46 12.92
C HIS C 97 -14.09 -11.37 12.24
N HIS C 98 -13.97 -11.52 10.92
CA HIS C 98 -14.89 -12.37 10.19
C HIS C 98 -14.71 -13.82 10.60
N TRP C 99 -13.46 -14.21 10.83
CA TRP C 99 -13.18 -15.57 11.23
C TRP C 99 -13.94 -15.84 12.53
N HIS C 100 -13.92 -14.87 13.44
CA HIS C 100 -14.62 -15.04 14.71
C HIS C 100 -16.11 -15.10 14.50
N THR C 101 -16.61 -14.28 13.59
CA THR C 101 -18.03 -14.27 13.32
C THR C 101 -18.50 -15.63 12.86
N GLN C 102 -17.78 -16.22 11.90
CA GLN C 102 -18.18 -17.51 11.33
C GLN C 102 -17.85 -18.79 12.07
N TYR C 103 -16.69 -18.83 12.69
CA TYR C 103 -16.27 -20.05 13.36
C TYR C 103 -16.38 -20.02 14.88
N CYS C 104 -16.84 -18.87 15.39
CA CYS C 104 -17.00 -18.71 16.84
C CYS C 104 -18.37 -18.15 17.22
N ASN C 105 -18.59 -16.86 16.96
CA ASN C 105 -19.84 -16.22 17.30
C ASN C 105 -21.09 -16.90 16.77
N ASN C 106 -21.23 -17.00 15.46
CA ASN C 106 -22.43 -17.62 14.90
C ASN C 106 -22.65 -19.06 15.35
N ILE C 107 -21.57 -19.74 15.73
CA ILE C 107 -21.70 -21.09 16.21
C ILE C 107 -22.34 -20.99 17.59
N ARG C 108 -21.75 -20.17 18.46
CA ARG C 108 -22.27 -19.97 19.80
C ARG C 108 -23.73 -19.53 19.77
N GLN C 109 -24.11 -18.77 18.73
CA GLN C 109 -25.49 -18.33 18.61
C GLN C 109 -26.41 -19.50 18.30
N LEU C 110 -26.00 -20.35 17.38
CA LEU C 110 -26.77 -21.53 17.00
C LEU C 110 -26.95 -22.44 18.21
N LEU C 111 -25.89 -22.62 19.00
CA LEU C 111 -25.95 -23.45 20.20
C LEU C 111 -26.84 -22.82 21.27
N HIS C 112 -27.11 -21.53 21.09
CA HIS C 112 -27.95 -20.80 22.02
C HIS C 112 -29.42 -21.14 21.71
N ASN C 113 -29.75 -21.11 20.43
CA ASN C 113 -31.09 -21.45 19.96
C ASN C 113 -31.37 -22.94 20.06
N PHE C 114 -30.33 -23.75 19.96
CA PHE C 114 -30.47 -25.20 20.02
C PHE C 114 -29.33 -25.76 20.83
N PRO C 115 -29.47 -25.78 22.16
CA PRO C 115 -28.39 -26.32 23.01
C PRO C 115 -28.06 -27.75 22.59
N PRO C 116 -26.89 -28.24 22.98
CA PRO C 116 -26.47 -29.61 22.64
C PRO C 116 -27.50 -30.63 23.11
N ASP C 117 -28.12 -30.38 24.25
CA ASP C 117 -29.10 -31.32 24.78
C ASP C 117 -30.55 -30.99 24.44
N GLN C 118 -30.76 -30.21 23.39
CA GLN C 118 -32.11 -29.84 22.97
C GLN C 118 -32.87 -31.04 22.47
N LEU C 119 -34.12 -31.18 22.89
CA LEU C 119 -34.96 -32.30 22.46
C LEU C 119 -36.05 -31.80 21.54
N THR C 120 -36.69 -32.70 20.80
CA THR C 120 -37.79 -32.32 19.91
C THR C 120 -39.06 -32.44 20.74
N SER C 121 -40.21 -32.15 20.13
CA SER C 121 -41.47 -32.25 20.85
C SER C 121 -41.77 -33.74 21.08
N SER C 122 -41.21 -34.57 20.20
CA SER C 122 -41.37 -36.01 20.27
C SER C 122 -40.37 -36.63 21.26
N GLY C 123 -39.60 -35.77 21.94
CA GLY C 123 -38.63 -36.24 22.92
C GLY C 123 -37.29 -36.69 22.39
N ALA C 124 -37.12 -36.63 21.07
CA ALA C 124 -35.86 -37.05 20.44
C ALA C 124 -34.79 -35.97 20.54
N PRO C 125 -33.51 -36.35 20.37
CA PRO C 125 -32.44 -35.35 20.44
C PRO C 125 -32.50 -34.53 19.16
N PHE C 126 -32.43 -33.20 19.28
CA PHE C 126 -32.47 -32.34 18.10
C PHE C 126 -31.22 -32.56 17.26
N TRP C 127 -30.09 -32.63 17.95
CA TRP C 127 -28.79 -32.84 17.32
C TRP C 127 -28.53 -34.32 17.08
N SER C 128 -29.25 -34.89 16.13
CA SER C 128 -29.13 -36.30 15.85
C SER C 128 -29.40 -36.60 14.38
N GLY C 129 -28.83 -37.70 13.88
CA GLY C 129 -29.04 -38.09 12.50
C GLY C 129 -28.27 -37.23 11.51
N PRO C 130 -28.96 -36.63 10.53
CA PRO C 130 -28.24 -35.80 9.56
C PRO C 130 -27.69 -34.52 10.19
N LYS C 131 -27.84 -34.40 11.51
CA LYS C 131 -27.35 -33.21 12.18
C LYS C 131 -26.18 -33.48 13.10
N ARG C 132 -25.20 -32.59 13.01
CA ARG C 132 -24.01 -32.71 13.84
C ARG C 132 -23.95 -31.45 14.67
N CYS C 133 -23.92 -31.63 15.99
CA CYS C 133 -23.85 -30.48 16.87
C CYS C 133 -22.47 -29.88 16.77
N PRO C 134 -22.39 -28.57 16.48
CA PRO C 134 -21.07 -27.93 16.36
C PRO C 134 -20.51 -27.40 17.67
N HIS C 135 -19.26 -26.96 17.60
CA HIS C 135 -18.59 -26.37 18.74
C HIS C 135 -17.77 -25.20 18.19
N PRO C 136 -17.74 -24.08 18.92
CA PRO C 136 -17.00 -22.88 18.48
C PRO C 136 -15.49 -23.09 18.52
N LEU C 137 -14.79 -22.46 17.58
CA LEU C 137 -13.33 -22.57 17.52
C LEU C 137 -12.66 -21.44 18.29
N THR C 138 -11.39 -21.63 18.63
CA THR C 138 -10.64 -20.61 19.35
C THR C 138 -9.45 -20.25 18.49
N PHE C 139 -9.37 -18.99 18.08
CA PHE C 139 -8.29 -18.55 17.21
C PHE C 139 -6.90 -18.84 17.78
N ASP C 140 -6.01 -19.28 16.89
CA ASP C 140 -4.65 -19.60 17.27
C ASP C 140 -3.76 -19.37 16.06
N VAL C 141 -2.96 -18.32 16.13
CA VAL C 141 -2.06 -17.96 15.04
C VAL C 141 -1.12 -19.08 14.65
N ASN C 142 -0.75 -19.89 15.62
CA ASN C 142 0.16 -21.00 15.35
C ASN C 142 -0.52 -22.19 14.70
N ASN C 143 -1.82 -22.04 14.43
CA ASN C 143 -2.58 -23.10 13.78
C ASN C 143 -2.61 -22.76 12.30
N THR C 144 -1.86 -23.53 11.51
CA THR C 144 -1.78 -23.31 10.07
C THR C 144 -3.12 -23.01 9.39
N LEU C 145 -4.15 -23.77 9.73
CA LEU C 145 -5.47 -23.57 9.13
C LEU C 145 -5.94 -22.16 9.39
N HIS C 146 -5.85 -21.74 10.65
CA HIS C 146 -6.28 -20.40 11.04
C HIS C 146 -5.54 -19.34 10.23
N LEU C 147 -4.22 -19.44 10.20
CA LEU C 147 -3.42 -18.48 9.45
C LEU C 147 -3.74 -18.55 7.95
N ASP C 148 -3.89 -19.76 7.43
CA ASP C 148 -4.22 -19.95 6.01
C ASP C 148 -5.43 -19.10 5.65
N TYR C 149 -6.41 -19.13 6.54
CA TYR C 149 -7.65 -18.40 6.34
C TYR C 149 -7.45 -16.89 6.30
N VAL C 150 -6.79 -16.34 7.32
CA VAL C 150 -6.59 -14.90 7.35
C VAL C 150 -5.82 -14.46 6.12
N MET C 151 -4.68 -15.10 5.87
CA MET C 151 -3.86 -14.77 4.69
C MET C 151 -4.69 -14.66 3.41
N ALA C 152 -5.53 -15.66 3.18
CA ALA C 152 -6.38 -15.66 2.00
C ALA C 152 -7.50 -14.61 2.04
N ALA C 153 -8.24 -14.58 3.15
CA ALA C 153 -9.36 -13.64 3.31
C ALA C 153 -8.94 -12.17 3.30
N ALA C 154 -7.85 -11.86 4.00
CA ALA C 154 -7.36 -10.50 4.07
C ALA C 154 -6.90 -10.01 2.70
N ASN C 155 -6.22 -10.90 1.97
CA ASN C 155 -5.76 -10.56 0.65
C ASN C 155 -6.90 -10.30 -0.30
N LEU C 156 -7.87 -11.21 -0.33
CA LEU C 156 -9.03 -11.03 -1.17
C LEU C 156 -9.76 -9.74 -0.78
N PHE C 157 -9.91 -9.52 0.53
CA PHE C 157 -10.58 -8.33 1.05
C PHE C 157 -9.83 -7.05 0.61
N ALA C 158 -8.50 -7.11 0.67
CA ALA C 158 -7.67 -5.98 0.25
C ALA C 158 -7.96 -5.66 -1.22
N GLN C 159 -7.90 -6.69 -2.08
CA GLN C 159 -8.17 -6.52 -3.51
C GLN C 159 -9.47 -5.81 -3.74
N THR C 160 -10.50 -6.26 -3.04
CA THR C 160 -11.83 -5.69 -3.13
C THR C 160 -11.83 -4.17 -3.01
N TYR C 161 -10.84 -3.60 -2.33
CA TYR C 161 -10.76 -2.15 -2.16
C TYR C 161 -9.61 -1.56 -2.97
N GLY C 162 -8.92 -2.42 -3.72
CA GLY C 162 -7.82 -1.97 -4.55
C GLY C 162 -6.55 -1.79 -3.75
N LEU C 163 -6.42 -2.50 -2.65
CA LEU C 163 -5.23 -2.38 -1.82
C LEU C 163 -4.27 -3.52 -2.10
N THR C 164 -2.99 -3.27 -1.87
CA THR C 164 -1.99 -4.29 -2.05
C THR C 164 -2.02 -5.13 -0.77
N GLY C 165 -1.90 -6.42 -0.91
CA GLY C 165 -1.90 -7.28 0.25
C GLY C 165 -0.49 -7.73 0.52
N SER C 166 -0.34 -8.91 1.13
CA SER C 166 0.98 -9.43 1.42
C SER C 166 0.87 -10.92 1.63
N GLN C 167 1.96 -11.61 1.36
CA GLN C 167 2.00 -13.05 1.54
C GLN C 167 3.00 -13.39 2.64
N ASP C 168 3.38 -12.38 3.40
CA ASP C 168 4.32 -12.54 4.50
C ASP C 168 3.58 -13.08 5.71
N ARG C 169 3.62 -14.40 5.89
CA ARG C 169 2.91 -14.99 7.02
C ARG C 169 3.42 -14.48 8.38
N ALA C 170 4.72 -14.30 8.49
CA ALA C 170 5.30 -13.83 9.75
C ALA C 170 4.77 -12.45 10.08
N ALA C 171 4.71 -11.59 9.07
CA ALA C 171 4.25 -10.24 9.30
C ALA C 171 2.79 -10.22 9.77
N VAL C 172 1.94 -10.97 9.08
CA VAL C 172 0.53 -11.03 9.44
C VAL C 172 0.36 -11.60 10.84
N ALA C 173 1.15 -12.61 11.17
CA ALA C 173 1.06 -13.22 12.49
C ALA C 173 1.40 -12.15 13.54
N SER C 174 2.39 -11.33 13.24
CA SER C 174 2.78 -10.26 14.14
C SER C 174 1.65 -9.24 14.25
N LEU C 175 1.10 -8.82 13.11
CA LEU C 175 0.01 -7.84 13.12
C LEU C 175 -1.17 -8.38 13.94
N LEU C 176 -1.44 -9.68 13.81
CA LEU C 176 -2.56 -10.27 14.53
C LEU C 176 -2.43 -10.18 16.03
N GLN C 177 -1.23 -10.27 16.55
CA GLN C 177 -1.05 -10.20 17.99
C GLN C 177 -1.71 -8.97 18.58
N SER C 178 -1.78 -7.89 17.81
CA SER C 178 -2.37 -6.66 18.29
C SER C 178 -3.84 -6.51 17.94
N VAL C 179 -4.42 -7.51 17.29
CA VAL C 179 -5.84 -7.44 16.93
C VAL C 179 -6.75 -7.88 18.07
N GLN C 180 -7.68 -7.01 18.45
CA GLN C 180 -8.60 -7.33 19.53
C GLN C 180 -9.98 -7.61 18.97
N VAL C 181 -10.58 -8.69 19.45
CA VAL C 181 -11.90 -9.09 19.00
C VAL C 181 -13.01 -8.64 19.93
N PRO C 182 -14.05 -7.99 19.38
CA PRO C 182 -15.18 -7.52 20.20
C PRO C 182 -15.79 -8.73 20.89
N GLU C 183 -16.11 -8.61 22.17
CA GLU C 183 -16.73 -9.74 22.86
C GLU C 183 -18.06 -10.00 22.16
N PHE C 184 -18.56 -11.22 22.32
CA PHE C 184 -19.81 -11.58 21.70
C PHE C 184 -20.67 -12.33 22.70
N THR C 185 -21.97 -12.15 22.56
CA THR C 185 -22.94 -12.82 23.42
C THR C 185 -24.18 -13.10 22.59
N PRO C 186 -24.65 -14.34 22.60
CA PRO C 186 -25.84 -14.73 21.84
C PRO C 186 -27.07 -13.91 22.24
N LYS C 187 -27.86 -13.48 21.27
CA LYS C 187 -29.06 -12.69 21.55
C LYS C 187 -30.29 -13.58 21.55
N SER C 188 -31.43 -13.01 21.92
CA SER C 188 -32.67 -13.76 22.03
C SER C 188 -33.48 -13.96 20.76
N GLY C 189 -33.93 -12.87 20.16
CA GLY C 189 -34.77 -13.01 18.98
C GLY C 189 -34.11 -13.29 17.64
N VAL C 190 -33.25 -14.30 17.58
CA VAL C 190 -32.57 -14.60 16.33
C VAL C 190 -33.23 -15.79 15.63
N LYS C 191 -33.77 -15.54 14.44
CA LYS C 191 -34.42 -16.60 13.68
C LYS C 191 -33.42 -17.49 12.93
N ILE C 192 -33.45 -18.78 13.23
CA ILE C 192 -32.59 -19.75 12.58
C ILE C 192 -33.53 -20.86 12.14
N HIS C 193 -33.90 -20.83 10.86
CA HIS C 193 -34.83 -21.80 10.29
C HIS C 193 -34.29 -23.23 10.23
N VAL C 194 -35.19 -24.19 10.41
CA VAL C 194 -34.82 -25.60 10.38
C VAL C 194 -35.37 -26.28 9.13
N SER C 195 -36.39 -25.68 8.54
CA SER C 195 -36.99 -26.20 7.33
C SER C 195 -37.07 -25.03 6.36
N ASP C 196 -37.10 -25.31 5.06
CA ASP C 196 -37.21 -24.24 4.09
C ASP C 196 -38.60 -23.65 4.13
N GLN C 197 -38.87 -22.99 5.25
CA GLN C 197 -40.16 -22.35 5.51
C GLN C 197 -39.87 -20.95 6.00
N GLU C 198 -39.77 -20.03 5.05
CA GLU C 198 -39.45 -18.65 5.35
C GLU C 198 -40.68 -17.73 5.42
N LEU C 199 -40.72 -16.86 6.43
CA LEU C 199 -41.83 -15.93 6.60
C LEU C 199 -41.55 -14.61 5.89
N VAL C 206 -39.18 -0.99 12.43
CA VAL C 206 -37.89 -1.62 12.22
C VAL C 206 -37.81 -2.12 10.78
N ASP C 207 -38.90 -1.91 10.04
CA ASP C 207 -38.99 -2.30 8.64
C ASP C 207 -38.76 -1.12 7.72
N ASP C 208 -39.40 0.01 8.03
CA ASP C 208 -39.26 1.20 7.20
C ASP C 208 -38.64 2.42 7.88
N SER C 209 -38.27 2.28 9.15
CA SER C 209 -37.63 3.37 9.88
C SER C 209 -36.12 3.09 9.92
N ARG C 210 -35.78 1.81 10.04
CA ARG C 210 -34.40 1.39 10.04
C ARG C 210 -33.91 1.73 8.64
N LEU C 211 -34.82 1.49 7.68
CA LEU C 211 -34.60 1.72 6.26
C LEU C 211 -34.42 3.22 5.99
N GLU C 212 -35.29 4.04 6.58
CA GLU C 212 -35.22 5.48 6.40
C GLU C 212 -33.92 6.02 7.00
N GLU C 213 -33.53 5.46 8.15
CA GLU C 213 -32.30 5.87 8.80
C GLU C 213 -31.14 5.78 7.82
N LEU C 214 -31.06 4.65 7.13
CA LEU C 214 -30.00 4.43 6.16
C LEU C 214 -30.02 5.49 5.07
N LYS C 215 -31.19 5.78 4.51
CA LYS C 215 -31.32 6.79 3.45
C LYS C 215 -30.71 8.15 3.79
N ALA C 216 -30.68 8.49 5.07
CA ALA C 216 -30.09 9.76 5.49
C ALA C 216 -28.66 9.53 5.96
N THR C 217 -28.32 8.26 6.18
CA THR C 217 -26.99 7.88 6.64
C THR C 217 -26.02 7.65 5.47
N LEU C 218 -26.42 6.81 4.51
CA LEU C 218 -25.59 6.50 3.35
C LEU C 218 -24.98 7.76 2.75
N PRO C 219 -23.64 7.90 2.88
CA PRO C 219 -22.97 9.07 2.34
C PRO C 219 -23.36 9.32 0.88
N SER C 220 -23.27 10.58 0.47
CA SER C 220 -23.63 10.93 -0.91
C SER C 220 -22.46 10.62 -1.84
N PRO C 221 -22.74 9.95 -2.97
CA PRO C 221 -21.70 9.59 -3.94
C PRO C 221 -20.65 10.68 -4.15
N ASP C 222 -21.10 11.92 -4.29
CA ASP C 222 -20.21 13.06 -4.53
C ASP C 222 -19.33 13.40 -3.33
N LYS C 223 -19.68 12.85 -2.17
CA LYS C 223 -18.91 13.08 -0.95
C LYS C 223 -17.78 12.05 -0.86
N LEU C 224 -17.67 11.21 -1.89
CA LEU C 224 -16.65 10.18 -1.95
C LEU C 224 -16.03 10.16 -3.36
N PRO C 225 -15.24 11.20 -3.70
CA PRO C 225 -14.57 11.34 -4.98
C PRO C 225 -13.75 10.13 -5.41
N GLY C 226 -13.91 9.73 -6.66
CA GLY C 226 -13.16 8.62 -7.21
C GLY C 226 -12.94 7.39 -6.34
N PHE C 227 -13.90 7.10 -5.47
CA PHE C 227 -13.80 5.92 -4.63
C PHE C 227 -14.46 4.80 -5.43
N LYS C 228 -13.89 3.61 -5.41
CA LYS C 228 -14.50 2.50 -6.15
C LYS C 228 -14.03 1.18 -5.61
N MET C 229 -14.75 0.11 -5.92
CA MET C 229 -14.37 -1.21 -5.44
C MET C 229 -14.15 -2.17 -6.60
N TYR C 230 -13.40 -3.23 -6.35
CA TYR C 230 -13.03 -4.19 -7.40
C TYR C 230 -13.59 -5.57 -7.18
N PRO C 231 -14.81 -5.84 -7.68
CA PRO C 231 -15.44 -7.16 -7.55
C PRO C 231 -14.51 -8.25 -8.04
N ILE C 232 -14.54 -9.42 -7.43
CA ILE C 232 -13.65 -10.48 -7.84
C ILE C 232 -14.42 -11.70 -8.35
N ASP C 233 -14.17 -12.09 -9.59
CA ASP C 233 -14.84 -13.25 -10.14
C ASP C 233 -14.07 -14.49 -9.78
N PHE C 234 -14.77 -15.45 -9.19
CA PHE C 234 -14.16 -16.70 -8.76
C PHE C 234 -13.52 -17.52 -9.90
N GLU C 235 -12.25 -17.89 -9.74
CA GLU C 235 -11.53 -18.68 -10.73
C GLU C 235 -10.82 -19.83 -10.06
N LYS C 236 -11.46 -21.00 -10.04
CA LYS C 236 -10.89 -22.18 -9.41
C LYS C 236 -9.61 -22.72 -10.05
N ASP C 237 -9.37 -22.35 -11.31
CA ASP C 237 -8.21 -22.87 -12.03
C ASP C 237 -6.85 -22.20 -11.81
N ASP C 238 -6.83 -20.89 -11.67
CA ASP C 238 -5.56 -20.18 -11.48
C ASP C 238 -4.96 -20.44 -10.09
N ASP C 239 -4.12 -21.46 -9.98
CA ASP C 239 -3.49 -21.79 -8.70
C ASP C 239 -2.71 -20.67 -8.02
N SER C 240 -2.46 -19.59 -8.77
CA SER C 240 -1.71 -18.45 -8.23
C SER C 240 -2.64 -17.52 -7.45
N ASN C 241 -3.93 -17.85 -7.47
CA ASN C 241 -4.94 -17.08 -6.74
C ASN C 241 -4.91 -17.49 -5.30
N PHE C 242 -5.81 -16.89 -4.56
CA PHE C 242 -6.06 -17.25 -3.18
C PHE C 242 -7.45 -17.86 -3.08
N HIS C 243 -8.12 -17.81 -4.22
CA HIS C 243 -9.47 -18.32 -4.42
C HIS C 243 -9.65 -19.71 -3.85
N MET C 244 -8.83 -20.65 -4.29
CA MET C 244 -8.94 -21.99 -3.76
C MET C 244 -8.37 -22.03 -2.36
N ASP C 245 -7.39 -21.16 -2.10
CA ASP C 245 -6.77 -21.12 -0.77
C ASP C 245 -7.89 -20.83 0.24
N PHE C 246 -8.74 -19.87 -0.13
CA PHE C 246 -9.86 -19.45 0.69
C PHE C 246 -10.87 -20.59 0.84
N ILE C 247 -11.36 -21.09 -0.30
CA ILE C 247 -12.33 -22.18 -0.30
C ILE C 247 -11.88 -23.30 0.63
N VAL C 248 -10.67 -23.78 0.45
CA VAL C 248 -10.19 -24.89 1.27
C VAL C 248 -10.13 -24.56 2.76
N ALA C 249 -9.64 -23.36 3.08
CA ALA C 249 -9.54 -22.92 4.47
C ALA C 249 -10.92 -22.66 5.07
N ALA C 250 -11.75 -21.87 4.37
CA ALA C 250 -13.09 -21.55 4.86
C ALA C 250 -13.86 -22.84 5.16
N SER C 251 -13.80 -23.74 4.20
CA SER C 251 -14.46 -25.02 4.24
C SER C 251 -13.97 -25.94 5.36
N ASN C 252 -12.67 -26.17 5.46
CA ASN C 252 -12.18 -27.06 6.51
C ASN C 252 -12.40 -26.52 7.91
N LEU C 253 -12.47 -25.19 8.04
CA LEU C 253 -12.70 -24.59 9.36
C LEU C 253 -14.16 -24.87 9.73
N ARG C 254 -15.07 -24.65 8.78
CA ARG C 254 -16.46 -24.91 9.03
C ARG C 254 -16.64 -26.40 9.34
N ALA C 255 -15.90 -27.24 8.61
CA ALA C 255 -15.97 -28.67 8.82
C ALA C 255 -15.54 -28.99 10.24
N GLU C 256 -14.50 -28.33 10.72
CA GLU C 256 -14.01 -28.57 12.07
C GLU C 256 -15.04 -28.15 13.11
N ASN C 257 -15.90 -27.19 12.75
CA ASN C 257 -16.93 -26.77 13.68
C ASN C 257 -17.85 -27.95 13.89
N TYR C 258 -18.30 -28.51 12.77
CA TYR C 258 -19.24 -29.64 12.77
C TYR C 258 -18.65 -31.06 12.82
N ASP C 259 -17.41 -31.17 13.30
CA ASP C 259 -16.77 -32.48 13.39
C ASP C 259 -16.92 -33.25 12.08
N ILE C 260 -16.56 -32.59 10.98
CA ILE C 260 -16.59 -33.19 9.66
C ILE C 260 -15.12 -33.33 9.23
N SER C 261 -14.78 -34.48 8.66
CA SER C 261 -13.42 -34.73 8.20
C SER C 261 -13.03 -33.73 7.10
N PRO C 262 -11.88 -33.07 7.27
CA PRO C 262 -11.35 -32.09 6.32
C PRO C 262 -10.98 -32.74 4.99
N ALA C 263 -10.91 -31.92 3.95
CA ALA C 263 -10.54 -32.39 2.62
C ALA C 263 -9.37 -31.51 2.19
N ASP C 264 -8.28 -32.11 1.69
CA ASP C 264 -7.16 -31.29 1.28
C ASP C 264 -7.47 -30.51 -0.01
N ARG C 265 -6.61 -29.56 -0.33
CA ARG C 265 -6.79 -28.71 -1.51
C ARG C 265 -7.22 -29.51 -2.74
N HIS C 266 -6.57 -30.65 -2.94
CA HIS C 266 -6.81 -31.50 -4.09
C HIS C 266 -8.17 -32.18 -4.07
N LYS C 267 -8.50 -32.81 -2.95
CA LYS C 267 -9.79 -33.48 -2.85
C LYS C 267 -10.88 -32.43 -2.90
N SER C 268 -10.61 -31.28 -2.29
CA SER C 268 -11.57 -30.20 -2.27
C SER C 268 -11.90 -29.72 -3.68
N LYS C 269 -10.88 -29.45 -4.50
CA LYS C 269 -11.17 -29.01 -5.87
C LYS C 269 -11.79 -30.18 -6.61
N LEU C 270 -11.42 -31.41 -6.22
CA LEU C 270 -11.99 -32.57 -6.90
C LEU C 270 -13.44 -32.80 -6.51
N ILE C 271 -13.75 -32.64 -5.23
CA ILE C 271 -15.13 -32.80 -4.73
C ILE C 271 -15.86 -31.50 -5.02
N ALA C 272 -15.11 -30.53 -5.49
CA ALA C 272 -15.70 -29.25 -5.85
C ALA C 272 -16.15 -29.24 -7.30
N GLY C 273 -16.72 -30.35 -7.77
CA GLY C 273 -17.28 -30.32 -9.12
C GLY C 273 -18.54 -29.48 -9.14
N LYS C 274 -18.87 -29.12 -7.89
CA LYS C 274 -20.00 -28.31 -7.44
C LYS C 274 -19.53 -26.86 -7.24
TA1 TBR D . 14.27 16.34 -25.36
TA2 TBR D . 16.54 16.14 -23.50
TA3 TBR D . 14.13 14.48 -23.08
TA4 TBR D . 16.65 13.26 -23.98
TA5 TBR D . 14.41 13.45 -25.82
TA6 TBR D . 16.80 15.09 -26.23
BR1 TBR D . 15.31 18.37 -24.06
BR2 TBR D . 12.35 16.34 -23.60
BR3 TBR D . 12.70 15.05 -26.95
BR4 TBR D . 15.64 17.08 -27.46
BR5 TBR D . 15.16 16.08 -21.29
BR6 TBR D . 12.54 12.76 -24.18
BR7 TBR D . 15.62 11.23 -25.26
BR8 TBR D . 18.58 13.24 -25.74
BR9 TBR D . 18.25 14.55 -22.38
BRA TBR D . 15.30 12.51 -21.88
BRB TBR D . 15.78 13.50 -28.03
BRC TBR D . 18.42 16.83 -25.14
TA1 TBR E . 18.01 -4.05 28.15
TA2 TBR E . 16.14 -6.32 28.41
TA3 TBR E . 16.37 -4.91 25.84
TA4 TBR E . 17.46 -7.62 26.13
TA5 TBR E . 19.28 -5.38 25.89
TA6 TBR E . 19.03 -6.79 28.44
BR1 TBR E . 16.10 -4.23 29.95
BR2 TBR E . 16.42 -2.46 26.80
BR3 TBR E . 19.99 -3.07 26.84
BR4 TBR E . 19.69 -4.81 29.99
BR5 TBR E . 14.14 -5.26 27.11
BR6 TBR E . 18.04 -4.12 24.01
BR7 TBR E . 19.34 -7.46 24.35
BR8 TBR E . 19.01 -9.22 27.47
BR9 TBR E . 15.44 -8.63 27.46
BRA TBR E . 15.75 -6.88 24.31
BRB TBR E . 21.29 -6.42 27.17
BRC TBR E . 17.38 -7.59 30.28
TA1 TBR F . -26.84 -19.53 -5.53
TA2 TBR F . -25.94 -19.02 -8.29
TA3 TBR F . -24.15 -18.43 -6.01
TA4 TBR F . -23.58 -20.70 -7.81
TA5 TBR F . -24.47 -21.20 -5.09
TA6 TBR F . -26.25 -21.78 -7.34
BR1 TBR F . -28.12 -18.04 -7.26
BR2 TBR F . -25.94 -17.33 -4.45
BR3 TBR F . -26.30 -20.74 -3.31
BR4 TBR F . -28.50 -21.46 -6.08
BR5 TBR F . -24.82 -16.70 -7.86
BR6 TBR F . -23.01 -19.42 -3.91
BR7 TBR F . -22.29 -22.19 -6.11
BR8 TBR F . -24.46 -22.90 -8.90
BR9 TBR F . -24.10 -19.48 -10.05
BRA TBR F . -21.90 -18.77 -7.27
BRB TBR F . -25.55 -23.52 -5.51
BRC TBR F . -27.38 -20.80 -9.48
#